data_8T6V
#
_entry.id   8T6V
#
_cell.length_a   1.00
_cell.length_b   1.00
_cell.length_c   1.00
_cell.angle_alpha   90.00
_cell.angle_beta   90.00
_cell.angle_gamma   90.00
#
_symmetry.space_group_name_H-M   'P 1'
#
loop_
_entity.id
_entity.type
_entity.pdbx_description
1 polymer 'Band 3 anion transport protein'
2 branched 2-acetamido-2-deoxy-beta-D-glucopyranose-(1-4)-2-acetamido-2-deoxy-beta-D-glucopyranose
3 non-polymer "4,4'-Diisothiocyano-2,2'-stilbenedisulfonic acid"
4 non-polymer CHOLESTEROL
5 non-polymer 'CHOLESTEROL HEMISUCCINATE'
6 non-polymer 1,2-DIACYL-SN-GLYCERO-3-PHOSPHOCHOLINE
7 water water
#
_entity_poly.entity_id   1
_entity_poly.type   'polypeptide(L)'
_entity_poly.pdbx_seq_one_letter_code
;DDPLQQTGQLFGGLVRDIRRRYPYYLSDITDAFSPQVLAAVIFIYFAALSPAITFGGLLGEKTRNQMGVSELLISTAVQG
ILFALLGAQPLLVVGFSGPLLVFEEAFFSFCETNGLEYIVGRVWIGFWLILLVVLVVAFEGSFLVRFISRYTQEIFSFLI
SLIFIYETFSKLIKIFQDHPLQKTYNYNVLMVPKPQGPLPNTALLSLVLMAGTFFFAMMLRKFKNSSYFPGKLRRVIGDF
GVPISILIMVLVDFFIQDTYTQKLSVPDGFKVSNSSARGWVIHPLGLRSEFPIWMMFASALPALLVFILIFLESQITTLI
VSKPERKMVKGSGFHLDLLLVVGMGGVAALFGMPWLSATTVRSVTHANALTVMGKASTPGAAAQIQEVKEQRISGLLVAV
LVGLSILMEPILSRIPLAVLFGIFLYMGVTSLSGIQLFDRILLLFKPPKYHPDVPYVKRVKTWRMHLFTGIQIICLAVLW
VVKSTPASLALPFVLILTVPLRRVLLPLIFRNVELQCLDADDA
;
_entity_poly.pdbx_strand_id   A,B
#
loop_
_chem_comp.id
_chem_comp.type
_chem_comp.name
_chem_comp.formula
4DS non-polymer '4,4'-Diisothiocyano-2,2'-stilbenedisulfonic acid' 'C16 H10 N2 O6 S4'
CLR non-polymer CHOLESTEROL 'C27 H46 O'
NAG D-saccharide, beta linking 2-acetamido-2-deoxy-beta-D-glucopyranose 'C8 H15 N O6'
PC1 non-polymer 1,2-DIACYL-SN-GLYCERO-3-PHOSPHOCHOLINE 'C44 H88 N O8 P'
Y01 non-polymer 'CHOLESTEROL HEMISUCCINATE' 'C31 H50 O4'
#
# COMPACT_ATOMS: atom_id res chain seq x y z
N ASP A 1 -45.94 13.38 -3.85
CA ASP A 1 -44.47 13.34 -4.15
C ASP A 1 -43.69 12.56 -3.09
N ASP A 2 -44.30 12.30 -1.92
CA ASP A 2 -43.71 11.46 -0.88
C ASP A 2 -44.09 10.00 -1.11
N PRO A 3 -43.12 9.08 -1.36
CA PRO A 3 -43.43 7.67 -1.57
C PRO A 3 -44.14 7.00 -0.38
N LEU A 4 -43.61 7.20 0.83
CA LEU A 4 -44.05 6.52 2.04
C LEU A 4 -45.21 7.28 2.66
N GLN A 5 -46.42 7.10 2.11
CA GLN A 5 -47.63 7.82 2.51
C GLN A 5 -48.84 6.92 2.23
N GLN A 6 -49.76 6.87 3.21
CA GLN A 6 -50.98 6.08 3.12
C GLN A 6 -52.05 6.87 2.37
N THR A 7 -52.52 6.28 1.24
CA THR A 7 -53.48 6.92 0.35
C THR A 7 -54.90 6.64 0.85
N GLY A 8 -55.19 5.34 1.09
CA GLY A 8 -56.51 4.90 1.50
C GLY A 8 -57.06 3.76 0.63
N GLN A 9 -56.72 3.81 -0.67
CA GLN A 9 -57.15 2.83 -1.65
C GLN A 9 -56.27 1.58 -1.56
N LEU A 10 -56.84 0.40 -1.87
CA LEU A 10 -56.10 -0.84 -1.90
C LEU A 10 -55.13 -0.83 -3.08
N PHE A 11 -53.88 -1.26 -2.82
CA PHE A 11 -52.77 -1.20 -3.77
C PHE A 11 -52.51 0.24 -4.21
N GLY A 12 -52.73 1.19 -3.30
CA GLY A 12 -52.57 2.61 -3.58
C GLY A 12 -51.11 2.97 -3.81
N GLY A 13 -50.24 2.55 -2.88
CA GLY A 13 -48.80 2.78 -2.93
C GLY A 13 -48.13 2.14 -4.14
N LEU A 14 -48.67 0.99 -4.56
CA LEU A 14 -48.15 0.25 -5.71
C LEU A 14 -48.46 0.96 -7.02
N VAL A 15 -49.70 1.43 -7.20
CA VAL A 15 -50.10 2.15 -8.39
C VAL A 15 -49.32 3.47 -8.50
N ARG A 16 -49.08 4.15 -7.38
CA ARG A 16 -48.32 5.40 -7.36
C ARG A 16 -46.84 5.14 -7.67
N ASP A 17 -46.32 3.93 -7.34
CA ASP A 17 -44.96 3.53 -7.65
C ASP A 17 -44.76 3.35 -9.15
N ILE A 18 -45.71 2.70 -9.83
CA ILE A 18 -45.64 2.41 -11.27
C ILE A 18 -45.81 3.70 -12.08
N ARG A 19 -46.87 4.48 -11.78
CA ARG A 19 -47.14 5.76 -12.42
C ARG A 19 -45.95 6.71 -12.31
N ARG A 20 -45.19 6.62 -11.20
CA ARG A 20 -44.08 7.51 -10.92
C ARG A 20 -42.89 7.22 -11.83
N ARG A 21 -42.50 5.94 -11.94
CA ARG A 21 -41.21 5.53 -12.51
C ARG A 21 -41.31 5.20 -13.99
N TYR A 22 -42.39 4.48 -14.40
CA TYR A 22 -42.48 3.90 -15.75
C TYR A 22 -42.51 4.95 -16.87
N PRO A 23 -43.02 6.19 -16.67
CA PRO A 23 -42.77 7.30 -17.59
C PRO A 23 -41.32 7.55 -18.01
N TYR A 24 -40.35 7.23 -17.14
CA TYR A 24 -38.93 7.41 -17.42
C TYR A 24 -38.30 6.18 -18.09
N TYR A 25 -39.11 5.29 -18.70
CA TYR A 25 -38.60 3.97 -19.07
C TYR A 25 -37.60 4.05 -20.22
N LEU A 26 -37.89 4.88 -21.23
CA LEU A 26 -37.00 5.05 -22.37
C LEU A 26 -35.66 5.64 -21.95
N SER A 27 -35.69 6.61 -21.01
CA SER A 27 -34.50 7.19 -20.40
C SER A 27 -33.67 6.11 -19.67
N ASP A 28 -34.34 5.09 -19.11
CA ASP A 28 -33.69 4.00 -18.39
C ASP A 28 -32.90 3.07 -19.33
N ILE A 29 -33.03 3.27 -20.65
CA ILE A 29 -32.30 2.51 -21.67
C ILE A 29 -31.19 3.38 -22.29
N THR A 30 -31.52 4.65 -22.61
CA THR A 30 -30.62 5.55 -23.31
C THR A 30 -29.57 6.19 -22.39
N ASP A 31 -29.82 6.19 -21.07
CA ASP A 31 -28.85 6.68 -20.09
C ASP A 31 -27.71 5.68 -19.88
N ALA A 32 -27.87 4.44 -20.34
CA ALA A 32 -26.86 3.42 -20.17
C ALA A 32 -25.72 3.59 -21.16
N PHE A 33 -25.90 4.42 -22.19
CA PHE A 33 -24.89 4.64 -23.21
C PHE A 33 -23.81 5.52 -22.60
N SER A 34 -22.82 4.86 -21.98
CA SER A 34 -21.66 5.50 -21.38
C SER A 34 -20.67 4.43 -20.94
N PRO A 35 -19.34 4.61 -21.14
CA PRO A 35 -18.39 3.57 -20.77
C PRO A 35 -18.38 3.33 -19.26
N GLN A 36 -18.74 4.35 -18.46
CA GLN A 36 -18.89 4.17 -17.02
C GLN A 36 -19.86 3.04 -16.69
N VAL A 37 -20.96 2.93 -17.46
CA VAL A 37 -21.98 1.91 -17.30
C VAL A 37 -21.38 0.54 -17.64
N LEU A 38 -20.51 0.46 -18.65
CA LEU A 38 -19.87 -0.79 -19.02
C LEU A 38 -18.87 -1.21 -17.94
N ALA A 39 -18.08 -0.26 -17.42
CA ALA A 39 -17.15 -0.51 -16.34
C ALA A 39 -17.88 -1.00 -15.09
N ALA A 40 -19.10 -0.47 -14.83
CA ALA A 40 -19.97 -0.92 -13.74
C ALA A 40 -20.43 -2.37 -13.90
N VAL A 41 -20.81 -2.79 -15.10
CA VAL A 41 -21.22 -4.16 -15.40
C VAL A 41 -20.14 -5.17 -15.05
N ILE A 42 -18.91 -4.95 -15.52
CA ILE A 42 -17.79 -5.86 -15.30
C ILE A 42 -17.48 -6.00 -13.81
N PHE A 43 -17.56 -4.89 -13.08
CA PHE A 43 -17.28 -4.84 -11.65
C PHE A 43 -18.34 -5.64 -10.89
N ILE A 44 -19.62 -5.27 -11.09
CA ILE A 44 -20.73 -5.80 -10.35
C ILE A 44 -21.02 -7.27 -10.71
N TYR A 45 -20.56 -7.72 -11.87
CA TYR A 45 -20.63 -9.12 -12.27
C TYR A 45 -19.88 -10.00 -11.27
N PHE A 46 -18.61 -9.66 -11.01
CA PHE A 46 -17.75 -10.40 -10.11
C PHE A 46 -18.24 -10.29 -8.65
N ALA A 47 -18.81 -9.12 -8.32
CA ALA A 47 -19.47 -8.92 -7.04
C ALA A 47 -20.64 -9.89 -6.88
N ALA A 48 -21.42 -10.07 -7.95
CA ALA A 48 -22.61 -10.88 -7.96
C ALA A 48 -22.33 -12.38 -8.11
N LEU A 49 -21.33 -12.77 -8.88
CA LEU A 49 -21.03 -14.18 -9.19
C LEU A 49 -20.42 -14.95 -8.02
N SER A 50 -19.44 -14.36 -7.32
CA SER A 50 -18.65 -15.06 -6.31
C SER A 50 -19.51 -15.48 -5.10
N PRO A 51 -20.40 -14.63 -4.57
CA PRO A 51 -21.36 -15.05 -3.57
C PRO A 51 -22.24 -16.23 -3.96
N ALA A 52 -22.73 -16.21 -5.20
CA ALA A 52 -23.56 -17.25 -5.74
C ALA A 52 -22.81 -18.59 -5.79
N ILE A 53 -21.51 -18.53 -6.12
CA ILE A 53 -20.64 -19.71 -6.20
C ILE A 53 -20.36 -20.22 -4.78
N THR A 54 -20.11 -19.28 -3.85
CA THR A 54 -19.69 -19.57 -2.48
C THR A 54 -20.88 -20.10 -1.66
N PHE A 55 -21.98 -19.34 -1.64
CA PHE A 55 -23.15 -19.69 -0.89
C PHE A 55 -23.83 -20.93 -1.47
N GLY A 56 -23.75 -21.05 -2.81
CA GLY A 56 -24.30 -22.20 -3.52
C GLY A 56 -23.63 -23.51 -3.10
N GLY A 57 -22.33 -23.46 -2.86
CA GLY A 57 -21.59 -24.59 -2.38
C GLY A 57 -21.92 -24.94 -0.95
N LEU A 58 -22.14 -23.94 -0.09
CA LEU A 58 -22.51 -24.14 1.30
C LEU A 58 -23.92 -24.75 1.39
N LEU A 59 -24.85 -24.33 0.54
CA LEU A 59 -26.17 -24.95 0.41
C LEU A 59 -26.03 -26.41 -0.01
N GLY A 60 -25.11 -26.68 -0.95
CA GLY A 60 -24.88 -28.03 -1.42
C GLY A 60 -24.51 -28.97 -0.29
N GLU A 61 -23.61 -28.51 0.59
CA GLU A 61 -23.10 -29.25 1.74
C GLU A 61 -24.19 -29.44 2.78
N LYS A 62 -24.78 -28.32 3.22
CA LYS A 62 -25.72 -28.27 4.33
C LYS A 62 -27.05 -28.95 4.03
N THR A 63 -27.38 -29.12 2.74
CA THR A 63 -28.70 -29.53 2.26
C THR A 63 -28.66 -30.84 1.47
N ARG A 64 -27.52 -31.52 1.40
CA ARG A 64 -27.29 -32.70 0.56
C ARG A 64 -27.63 -32.51 -0.92
N ASN A 65 -27.31 -31.32 -1.44
CA ASN A 65 -27.44 -30.94 -2.83
C ASN A 65 -28.90 -30.93 -3.32
N GLN A 66 -29.85 -30.80 -2.38
CA GLN A 66 -31.24 -30.56 -2.74
C GLN A 66 -31.41 -29.15 -3.32
N MET A 67 -30.55 -28.24 -2.87
CA MET A 67 -30.28 -26.97 -3.55
C MET A 67 -28.76 -26.77 -3.53
N GLY A 68 -28.19 -26.32 -4.65
CA GLY A 68 -26.77 -26.06 -4.77
C GLY A 68 -26.49 -24.86 -5.67
N VAL A 69 -25.35 -24.88 -6.39
CA VAL A 69 -24.86 -23.75 -7.16
C VAL A 69 -25.76 -23.48 -8.37
N SER A 70 -26.04 -24.52 -9.16
CA SER A 70 -26.86 -24.40 -10.35
C SER A 70 -28.18 -23.68 -10.02
N GLU A 71 -28.89 -24.15 -9.00
CA GLU A 71 -30.16 -23.58 -8.57
C GLU A 71 -30.06 -22.10 -8.24
N LEU A 72 -28.98 -21.69 -7.56
CA LEU A 72 -28.77 -20.31 -7.14
C LEU A 72 -28.29 -19.42 -8.29
N LEU A 73 -27.51 -19.96 -9.23
CA LEU A 73 -27.11 -19.21 -10.44
C LEU A 73 -28.34 -18.89 -11.29
N ILE A 74 -29.20 -19.90 -11.53
CA ILE A 74 -30.44 -19.74 -12.28
C ILE A 74 -31.39 -18.75 -11.60
N SER A 75 -31.60 -18.90 -10.29
CA SER A 75 -32.46 -18.02 -9.52
C SER A 75 -31.98 -16.56 -9.60
N THR A 76 -30.71 -16.36 -9.28
CA THR A 76 -30.06 -15.06 -9.33
C THR A 76 -30.20 -14.41 -10.71
N ALA A 77 -30.11 -15.21 -11.77
CA ALA A 77 -30.20 -14.76 -13.16
C ALA A 77 -31.61 -14.36 -13.52
N VAL A 78 -32.57 -15.29 -13.33
CA VAL A 78 -33.94 -15.07 -13.75
C VAL A 78 -34.61 -13.94 -12.94
N GLN A 79 -34.51 -14.00 -11.61
CA GLN A 79 -35.02 -12.93 -10.75
C GLN A 79 -34.31 -11.59 -11.00
N GLY A 80 -33.04 -11.66 -11.38
CA GLY A 80 -32.26 -10.49 -11.73
C GLY A 80 -32.73 -9.77 -12.99
N ILE A 81 -33.12 -10.55 -14.01
CA ILE A 81 -33.63 -10.03 -15.28
C ILE A 81 -35.01 -9.42 -15.07
N LEU A 82 -35.93 -10.17 -14.42
CA LEU A 82 -37.29 -9.73 -14.19
C LEU A 82 -37.33 -8.45 -13.36
N PHE A 83 -36.44 -8.33 -12.37
CA PHE A 83 -36.39 -7.16 -11.51
C PHE A 83 -35.83 -5.93 -12.23
N ALA A 84 -34.82 -6.15 -13.08
CA ALA A 84 -34.19 -5.10 -13.88
C ALA A 84 -35.17 -4.48 -14.87
N LEU A 85 -36.14 -5.26 -15.35
CA LEU A 85 -37.08 -4.82 -16.37
C LEU A 85 -38.36 -4.24 -15.76
N LEU A 86 -38.82 -4.81 -14.63
CA LEU A 86 -40.11 -4.42 -14.04
C LEU A 86 -39.96 -3.54 -12.78
N GLY A 87 -38.81 -3.57 -12.11
CA GLY A 87 -38.66 -2.92 -10.82
C GLY A 87 -38.71 -1.39 -10.89
N ALA A 88 -38.98 -0.76 -9.73
CA ALA A 88 -39.06 0.68 -9.57
C ALA A 88 -37.70 1.30 -9.28
N GLN A 89 -36.82 0.56 -8.58
CA GLN A 89 -35.43 0.94 -8.35
C GLN A 89 -34.51 -0.11 -8.98
N PRO A 90 -34.11 0.05 -10.27
CA PRO A 90 -33.25 -0.91 -10.94
C PRO A 90 -31.82 -1.06 -10.42
N LEU A 91 -31.35 -0.10 -9.61
CA LEU A 91 -29.99 -0.12 -9.09
C LEU A 91 -29.80 -1.12 -7.95
N LEU A 92 -30.90 -1.65 -7.39
CA LEU A 92 -30.84 -2.74 -6.43
C LEU A 92 -30.33 -4.01 -7.13
N VAL A 93 -29.57 -4.83 -6.39
CA VAL A 93 -28.92 -6.04 -6.89
C VAL A 93 -29.44 -7.21 -6.05
N VAL A 94 -30.40 -7.97 -6.60
CA VAL A 94 -31.05 -9.07 -5.90
C VAL A 94 -30.11 -10.28 -5.87
N GLY A 95 -30.00 -10.94 -4.71
CA GLY A 95 -29.22 -12.16 -4.56
C GLY A 95 -29.34 -12.78 -3.17
N PHE A 96 -28.71 -13.94 -2.98
CA PHE A 96 -28.68 -14.69 -1.74
C PHE A 96 -27.78 -14.00 -0.73
N SER A 97 -28.12 -14.09 0.57
CA SER A 97 -27.48 -13.38 1.65
C SER A 97 -27.25 -14.32 2.83
N GLY A 98 -26.24 -14.01 3.67
CA GLY A 98 -25.87 -14.82 4.81
C GLY A 98 -27.04 -15.24 5.70
N PRO A 99 -27.87 -14.29 6.14
CA PRO A 99 -29.11 -14.61 6.84
C PRO A 99 -30.00 -15.65 6.19
N LEU A 100 -30.14 -15.65 4.86
CA LEU A 100 -30.96 -16.61 4.15
C LEU A 100 -30.35 -18.02 4.21
N LEU A 101 -29.03 -18.12 4.12
CA LEU A 101 -28.31 -19.38 4.23
C LEU A 101 -28.52 -19.99 5.61
N VAL A 102 -28.48 -19.17 6.66
CA VAL A 102 -28.66 -19.59 8.04
C VAL A 102 -30.03 -20.24 8.21
N PHE A 103 -31.07 -19.60 7.63
CA PHE A 103 -32.44 -20.10 7.69
C PHE A 103 -32.57 -21.47 7.00
N GLU A 104 -31.94 -21.61 5.85
CA GLU A 104 -32.04 -22.82 5.04
C GLU A 104 -31.43 -24.01 5.76
N GLU A 105 -30.30 -23.78 6.45
CA GLU A 105 -29.67 -24.78 7.30
C GLU A 105 -30.60 -25.15 8.45
N ALA A 106 -31.28 -24.14 9.03
CA ALA A 106 -32.20 -24.32 10.14
C ALA A 106 -33.42 -25.13 9.74
N PHE A 107 -34.04 -24.78 8.60
CA PHE A 107 -35.25 -25.43 8.12
C PHE A 107 -34.98 -26.86 7.65
N PHE A 108 -33.77 -27.11 7.14
CA PHE A 108 -33.36 -28.43 6.69
C PHE A 108 -33.27 -29.36 7.91
N SER A 109 -32.58 -28.88 8.96
CA SER A 109 -32.36 -29.64 10.19
C SER A 109 -33.70 -30.03 10.85
N PHE A 110 -34.65 -29.09 10.86
CA PHE A 110 -36.00 -29.33 11.34
C PHE A 110 -36.68 -30.47 10.60
N CYS A 111 -36.54 -30.50 9.27
CA CYS A 111 -37.18 -31.47 8.40
C CYS A 111 -36.54 -32.86 8.53
N GLU A 112 -35.24 -32.92 8.86
CA GLU A 112 -34.53 -34.16 9.09
C GLU A 112 -35.03 -34.82 10.37
N THR A 113 -35.16 -34.01 11.45
CA THR A 113 -35.58 -34.47 12.77
C THR A 113 -37.05 -34.95 12.73
N ASN A 114 -37.92 -34.16 12.10
CA ASN A 114 -39.36 -34.41 12.08
C ASN A 114 -39.76 -35.35 10.93
N GLY A 115 -38.83 -35.64 10.02
CA GLY A 115 -39.06 -36.58 8.93
C GLY A 115 -39.97 -36.01 7.83
N LEU A 116 -39.61 -34.80 7.36
CA LEU A 116 -40.33 -34.09 6.31
C LEU A 116 -39.44 -34.00 5.07
N GLU A 117 -40.06 -33.80 3.90
CA GLU A 117 -39.34 -33.52 2.66
C GLU A 117 -39.00 -32.03 2.65
N TYR A 118 -37.71 -31.72 2.88
CA TYR A 118 -37.22 -30.35 2.98
C TYR A 118 -37.57 -29.49 1.77
N ILE A 119 -37.30 -30.01 0.56
CA ILE A 119 -37.51 -29.26 -0.68
C ILE A 119 -39.00 -29.03 -0.95
N VAL A 120 -39.84 -29.96 -0.51
CA VAL A 120 -41.31 -29.85 -0.62
C VAL A 120 -41.83 -28.87 0.45
N GLY A 121 -41.19 -28.87 1.62
CA GLY A 121 -41.53 -27.95 2.70
C GLY A 121 -41.38 -26.48 2.31
N ARG A 122 -40.29 -26.14 1.59
CA ARG A 122 -40.03 -24.79 1.11
C ARG A 122 -41.15 -24.26 0.20
N VAL A 123 -41.80 -25.15 -0.57
CA VAL A 123 -42.87 -24.79 -1.50
C VAL A 123 -44.02 -24.13 -0.74
N TRP A 124 -44.37 -24.68 0.43
CA TRP A 124 -45.46 -24.17 1.26
C TRP A 124 -45.06 -22.85 1.94
N ILE A 125 -43.79 -22.71 2.37
CA ILE A 125 -43.29 -21.43 2.84
C ILE A 125 -43.49 -20.40 1.72
N GLY A 126 -43.17 -20.77 0.48
CA GLY A 126 -43.29 -19.93 -0.70
C GLY A 126 -44.73 -19.49 -0.98
N PHE A 127 -45.71 -20.37 -0.76
CA PHE A 127 -47.13 -20.05 -0.93
C PHE A 127 -47.57 -19.02 0.10
N TRP A 128 -47.15 -19.19 1.35
CA TRP A 128 -47.44 -18.25 2.43
C TRP A 128 -46.79 -16.89 2.19
N LEU A 129 -45.55 -16.87 1.66
CA LEU A 129 -44.85 -15.64 1.33
C LEU A 129 -45.64 -14.81 0.31
N ILE A 130 -46.20 -15.49 -0.71
CA ILE A 130 -47.01 -14.85 -1.73
C ILE A 130 -48.26 -14.25 -1.11
N LEU A 131 -48.88 -14.97 -0.16
CA LEU A 131 -50.09 -14.53 0.52
C LEU A 131 -49.80 -13.32 1.43
N LEU A 132 -48.65 -13.36 2.14
CA LEU A 132 -48.28 -12.30 3.05
C LEU A 132 -48.00 -11.00 2.28
N VAL A 133 -47.21 -11.05 1.21
CA VAL A 133 -46.78 -9.86 0.48
C VAL A 133 -47.96 -9.21 -0.26
N VAL A 134 -48.91 -10.00 -0.76
CA VAL A 134 -50.08 -9.48 -1.45
C VAL A 134 -51.02 -8.78 -0.46
N LEU A 135 -51.03 -9.22 0.80
CA LEU A 135 -51.76 -8.54 1.87
C LEU A 135 -51.07 -7.23 2.25
N VAL A 136 -49.75 -7.27 2.47
CA VAL A 136 -48.97 -6.12 2.91
C VAL A 136 -49.06 -5.00 1.87
N VAL A 137 -48.85 -5.35 0.60
CA VAL A 137 -48.85 -4.39 -0.50
C VAL A 137 -50.27 -3.83 -0.77
N ALA A 138 -51.30 -4.62 -0.48
CA ALA A 138 -52.70 -4.19 -0.60
C ALA A 138 -53.03 -3.08 0.38
N PHE A 139 -52.73 -3.30 1.67
CA PHE A 139 -53.02 -2.36 2.75
C PHE A 139 -51.87 -1.38 3.00
N GLU A 140 -50.90 -1.30 2.06
CA GLU A 140 -49.89 -0.26 1.98
C GLU A 140 -48.95 -0.28 3.22
N GLY A 141 -48.56 -1.49 3.63
CA GLY A 141 -47.83 -1.67 4.86
C GLY A 141 -46.39 -1.14 4.80
N SER A 142 -45.88 -0.88 3.59
CA SER A 142 -44.54 -0.37 3.39
C SER A 142 -44.37 1.06 3.92
N PHE A 143 -45.48 1.72 4.32
CA PHE A 143 -45.46 3.07 4.85
C PHE A 143 -44.70 3.12 6.18
N LEU A 144 -44.60 1.98 6.89
CA LEU A 144 -43.92 1.87 8.17
C LEU A 144 -42.41 2.14 8.03
N VAL A 145 -41.88 2.00 6.80
CA VAL A 145 -40.48 2.26 6.50
C VAL A 145 -40.10 3.71 6.85
N ARG A 146 -41.07 4.63 6.91
CA ARG A 146 -40.82 6.04 7.23
C ARG A 146 -40.39 6.23 8.69
N PHE A 147 -40.71 5.28 9.56
CA PHE A 147 -40.32 5.32 10.97
C PHE A 147 -38.92 4.75 11.22
N ILE A 148 -38.27 4.21 10.19
CA ILE A 148 -36.87 3.82 10.23
C ILE A 148 -36.01 5.04 9.87
N SER A 149 -35.42 5.70 10.89
CA SER A 149 -34.67 6.94 10.75
C SER A 149 -33.23 6.68 10.33
N ARG A 150 -32.42 7.73 10.25
CA ARG A 150 -30.98 7.64 9.95
C ARG A 150 -30.25 6.82 11.00
N TYR A 151 -30.70 6.96 12.26
CA TYR A 151 -30.12 6.27 13.41
C TYR A 151 -30.00 4.76 13.18
N THR A 152 -31.14 4.13 12.84
CA THR A 152 -31.23 2.71 12.54
C THR A 152 -30.57 2.36 11.20
N GLN A 153 -30.72 3.24 10.21
CA GLN A 153 -30.15 3.05 8.87
C GLN A 153 -28.64 2.92 8.92
N GLU A 154 -27.98 3.81 9.70
CA GLU A 154 -26.51 3.86 9.73
C GLU A 154 -25.94 2.77 10.63
N ILE A 155 -26.64 2.39 11.70
CA ILE A 155 -26.26 1.23 12.50
C ILE A 155 -26.28 -0.01 11.59
N PHE A 156 -27.33 -0.19 10.80
CA PHE A 156 -27.46 -1.29 9.86
C PHE A 156 -26.36 -1.27 8.79
N SER A 157 -26.24 -0.18 8.05
CA SER A 157 -25.29 -0.05 6.96
C SER A 157 -23.84 -0.22 7.43
N PHE A 158 -23.54 0.19 8.66
CA PHE A 158 -22.20 0.08 9.24
C PHE A 158 -21.87 -1.35 9.65
N LEU A 159 -22.80 -2.01 10.37
CA LEU A 159 -22.72 -3.42 10.74
C LEU A 159 -22.49 -4.32 9.52
N ILE A 160 -23.22 -4.09 8.44
CA ILE A 160 -23.20 -4.88 7.22
C ILE A 160 -21.86 -4.72 6.51
N SER A 161 -21.25 -3.52 6.56
CA SER A 161 -19.93 -3.28 5.98
C SER A 161 -18.85 -3.97 6.80
N LEU A 162 -18.96 -3.97 8.14
CA LEU A 162 -18.00 -4.62 9.02
C LEU A 162 -18.02 -6.13 8.82
N ILE A 163 -19.21 -6.74 8.85
CA ILE A 163 -19.38 -8.16 8.59
C ILE A 163 -18.77 -8.53 7.24
N PHE A 164 -19.03 -7.73 6.21
CA PHE A 164 -18.53 -7.97 4.86
C PHE A 164 -17.00 -8.00 4.88
N ILE A 165 -16.37 -7.01 5.54
CA ILE A 165 -14.92 -6.92 5.63
C ILE A 165 -14.35 -8.07 6.47
N TYR A 166 -15.02 -8.39 7.59
CA TYR A 166 -14.63 -9.49 8.46
C TYR A 166 -14.60 -10.84 7.75
N GLU A 167 -15.61 -11.16 6.95
CA GLU A 167 -15.76 -12.41 6.25
C GLU A 167 -14.70 -12.57 5.16
N THR A 168 -14.32 -11.47 4.51
CA THR A 168 -13.27 -11.46 3.49
C THR A 168 -11.94 -11.88 4.08
N PHE A 169 -11.60 -11.32 5.24
CA PHE A 169 -10.36 -11.63 5.96
C PHE A 169 -10.36 -13.04 6.57
N SER A 170 -11.56 -13.53 6.91
CA SER A 170 -11.76 -14.88 7.37
C SER A 170 -11.45 -15.91 6.29
N LYS A 171 -11.63 -15.51 5.02
CA LYS A 171 -11.42 -16.39 3.86
C LYS A 171 -9.93 -16.50 3.54
N LEU A 172 -9.22 -15.36 3.66
CA LEU A 172 -7.77 -15.32 3.53
C LEU A 172 -7.14 -16.21 4.59
N ILE A 173 -7.56 -16.06 5.84
CA ILE A 173 -7.01 -16.81 6.96
C ILE A 173 -7.24 -18.32 6.81
N LYS A 174 -8.37 -18.71 6.19
CA LYS A 174 -8.65 -20.12 5.94
C LYS A 174 -7.60 -20.74 5.02
N ILE A 175 -7.11 -19.95 4.04
CA ILE A 175 -6.09 -20.39 3.09
C ILE A 175 -4.79 -20.75 3.83
N PHE A 176 -4.41 -19.88 4.78
CA PHE A 176 -3.23 -20.07 5.62
C PHE A 176 -3.36 -21.33 6.49
N GLN A 177 -4.58 -21.60 6.95
CA GLN A 177 -4.86 -22.75 7.79
C GLN A 177 -4.77 -24.04 6.97
N ASP A 178 -5.27 -24.00 5.73
CA ASP A 178 -5.28 -25.14 4.83
C ASP A 178 -3.88 -25.43 4.29
N HIS A 179 -3.11 -24.36 4.04
CA HIS A 179 -1.77 -24.42 3.45
C HIS A 179 -0.79 -23.63 4.30
N PRO A 180 -0.43 -24.15 5.51
CA PRO A 180 0.46 -23.45 6.41
C PRO A 180 1.88 -23.39 5.93
N LEU A 181 2.62 -22.37 6.41
CA LEU A 181 4.05 -22.20 6.03
C LEU A 181 4.91 -23.16 6.86
N GLN A 182 5.25 -24.32 6.29
CA GLN A 182 6.03 -25.36 7.03
C GLN A 182 7.45 -25.43 6.47
N LYS A 183 8.25 -26.35 7.00
CA LYS A 183 9.65 -26.54 6.51
C LYS A 183 9.64 -27.60 5.41
N THR A 184 8.84 -28.66 5.59
CA THR A 184 8.79 -29.76 4.60
C THR A 184 7.35 -30.08 4.25
N TYR A 185 7.04 -30.25 2.97
CA TYR A 185 5.68 -30.64 2.54
C TYR A 185 5.75 -31.96 1.78
N ASN A 186 4.60 -32.53 1.42
CA ASN A 186 4.54 -33.74 0.61
C ASN A 186 4.13 -33.38 -0.82
N TYR A 187 4.80 -33.95 -1.83
CA TYR A 187 4.52 -33.45 -3.21
C TYR A 187 3.67 -34.44 -4.03
N ASN A 188 3.37 -35.61 -3.46
CA ASN A 188 2.53 -36.59 -4.14
C ASN A 188 1.07 -36.37 -3.71
N VAL A 189 0.72 -35.12 -3.37
CA VAL A 189 -0.64 -34.81 -2.92
C VAL A 189 -1.54 -34.64 -4.15
N LEU A 190 -2.83 -35.04 -4.02
CA LEU A 190 -3.77 -35.07 -5.12
C LEU A 190 -4.54 -33.75 -5.20
N MET A 191 -5.07 -33.43 -6.38
CA MET A 191 -5.71 -32.15 -6.69
C MET A 191 -7.07 -32.37 -7.35
N VAL A 192 -7.67 -33.56 -7.15
CA VAL A 192 -8.79 -34.06 -7.95
C VAL A 192 -10.06 -33.27 -7.60
N PRO A 193 -10.56 -33.29 -6.33
CA PRO A 193 -11.54 -32.29 -5.90
C PRO A 193 -10.90 -30.95 -5.53
N LYS A 194 -9.75 -31.04 -4.83
CA LYS A 194 -9.02 -29.90 -4.29
C LYS A 194 -7.71 -30.43 -3.72
N PRO A 195 -6.73 -29.58 -3.33
CA PRO A 195 -5.51 -30.08 -2.67
C PRO A 195 -5.87 -30.84 -1.39
N GLN A 196 -5.35 -32.08 -1.28
CA GLN A 196 -5.61 -32.95 -0.15
C GLN A 196 -4.83 -32.52 1.08
N GLY A 197 -3.52 -32.36 0.91
CA GLY A 197 -2.62 -31.84 1.93
C GLY A 197 -2.18 -30.41 1.64
N PRO A 198 -1.34 -29.81 2.50
CA PRO A 198 -0.77 -28.48 2.24
C PRO A 198 0.32 -28.44 1.20
N LEU A 199 0.42 -27.28 0.51
CA LEU A 199 1.28 -27.03 -0.62
C LEU A 199 2.11 -25.79 -0.33
N PRO A 200 3.35 -25.69 -0.88
CA PRO A 200 4.18 -24.50 -0.65
C PRO A 200 3.87 -23.27 -1.52
N ASN A 201 3.96 -22.06 -0.96
CA ASN A 201 3.81 -20.79 -1.73
C ASN A 201 2.35 -20.43 -2.01
N THR A 202 1.40 -21.31 -1.73
CA THR A 202 -0.02 -21.05 -1.99
C THR A 202 -0.63 -19.93 -1.13
N ALA A 203 -0.39 -19.96 0.19
CA ALA A 203 -0.90 -18.98 1.15
C ALA A 203 -0.29 -17.59 0.97
N LEU A 204 1.03 -17.53 0.76
CA LEU A 204 1.73 -16.22 0.63
C LEU A 204 1.47 -15.59 -0.73
N LEU A 205 1.24 -16.39 -1.78
CA LEU A 205 0.90 -15.84 -3.10
C LEU A 205 -0.52 -15.29 -3.08
N SER A 206 -1.47 -16.02 -2.47
CA SER A 206 -2.83 -15.57 -2.24
C SER A 206 -2.89 -14.21 -1.55
N LEU A 207 -2.08 -14.03 -0.50
CA LEU A 207 -1.96 -12.76 0.21
C LEU A 207 -1.44 -11.65 -0.72
N VAL A 208 -0.42 -11.95 -1.52
CA VAL A 208 0.17 -11.00 -2.45
C VAL A 208 -0.84 -10.60 -3.52
N LEU A 209 -1.54 -11.60 -4.10
CA LEU A 209 -2.56 -11.38 -5.12
C LEU A 209 -3.69 -10.48 -4.56
N MET A 210 -4.12 -10.75 -3.33
CA MET A 210 -5.14 -9.97 -2.65
C MET A 210 -4.66 -8.54 -2.42
N ALA A 211 -3.51 -8.38 -1.74
CA ALA A 211 -2.90 -7.10 -1.42
C ALA A 211 -2.54 -6.28 -2.66
N GLY A 212 -2.15 -6.99 -3.73
CA GLY A 212 -1.91 -6.40 -5.04
C GLY A 212 -3.17 -5.75 -5.63
N THR A 213 -4.28 -6.51 -5.68
CA THR A 213 -5.52 -6.08 -6.30
C THR A 213 -6.13 -4.89 -5.56
N PHE A 214 -6.09 -4.95 -4.22
CA PHE A 214 -6.61 -3.88 -3.38
C PHE A 214 -5.85 -2.57 -3.60
N PHE A 215 -4.51 -2.67 -3.67
CA PHE A 215 -3.63 -1.52 -3.86
C PHE A 215 -3.96 -0.80 -5.19
N PHE A 216 -3.96 -1.53 -6.33
CA PHE A 216 -4.23 -0.97 -7.63
C PHE A 216 -5.61 -0.30 -7.71
N ALA A 217 -6.61 -0.95 -7.10
CA ALA A 217 -7.96 -0.42 -7.03
C ALA A 217 -8.00 0.93 -6.32
N MET A 218 -7.35 1.01 -5.15
CA MET A 218 -7.29 2.23 -4.35
C MET A 218 -6.46 3.33 -5.02
N MET A 219 -5.41 2.95 -5.72
CA MET A 219 -4.52 3.90 -6.37
C MET A 219 -5.22 4.50 -7.58
N LEU A 220 -5.90 3.68 -8.39
CA LEU A 220 -6.60 4.17 -9.58
C LEU A 220 -7.80 5.06 -9.20
N ARG A 221 -8.32 4.93 -7.99
CA ARG A 221 -9.40 5.85 -7.54
C ARG A 221 -8.73 7.17 -7.15
N LYS A 222 -7.58 7.09 -6.49
CA LYS A 222 -6.81 8.28 -6.14
C LYS A 222 -6.47 9.03 -7.42
N PHE A 223 -6.03 8.29 -8.45
CA PHE A 223 -5.67 8.83 -9.76
C PHE A 223 -6.84 9.53 -10.46
N LYS A 224 -8.04 8.99 -10.32
CA LYS A 224 -9.25 9.52 -10.93
C LYS A 224 -9.47 10.96 -10.46
N ASN A 225 -9.20 11.23 -9.18
CA ASN A 225 -9.42 12.54 -8.57
C ASN A 225 -8.17 13.42 -8.58
N SER A 226 -7.13 13.00 -9.32
CA SER A 226 -5.86 13.69 -9.42
C SER A 226 -5.90 14.73 -10.54
N SER A 227 -4.74 15.36 -10.80
CA SER A 227 -4.59 16.38 -11.83
C SER A 227 -3.50 16.00 -12.83
N TYR A 228 -3.45 14.69 -13.18
CA TYR A 228 -2.47 14.09 -14.07
C TYR A 228 -3.18 13.53 -15.30
N PHE A 229 -2.55 13.63 -16.46
CA PHE A 229 -3.07 13.26 -17.75
C PHE A 229 -4.24 14.16 -18.17
N PRO A 230 -4.63 14.16 -19.46
CA PRO A 230 -5.86 14.84 -19.89
C PRO A 230 -7.09 14.25 -19.21
N GLY A 231 -8.03 15.11 -18.78
CA GLY A 231 -9.20 14.72 -18.00
C GLY A 231 -10.02 13.57 -18.60
N LYS A 232 -10.19 13.57 -19.94
CA LYS A 232 -11.00 12.58 -20.63
C LYS A 232 -10.34 11.20 -20.52
N LEU A 233 -9.01 11.16 -20.57
CA LEU A 233 -8.26 9.92 -20.39
C LEU A 233 -8.25 9.52 -18.91
N ARG A 234 -8.04 10.48 -18.01
CA ARG A 234 -7.99 10.24 -16.58
C ARG A 234 -9.32 9.73 -16.03
N ARG A 235 -10.44 10.22 -16.58
CA ARG A 235 -11.79 9.82 -16.19
C ARG A 235 -12.05 8.36 -16.58
N VAL A 236 -11.65 7.98 -17.81
CA VAL A 236 -11.86 6.66 -18.39
C VAL A 236 -11.06 5.61 -17.62
N ILE A 237 -9.79 5.88 -17.31
CA ILE A 237 -8.93 4.99 -16.55
C ILE A 237 -9.43 4.88 -15.10
N GLY A 238 -10.00 5.95 -14.58
CA GLY A 238 -10.67 5.94 -13.28
C GLY A 238 -11.95 5.10 -13.26
N ASP A 239 -12.77 5.22 -14.32
CA ASP A 239 -14.00 4.43 -14.46
C ASP A 239 -13.71 2.94 -14.45
N PHE A 240 -12.74 2.51 -15.30
CA PHE A 240 -12.35 1.12 -15.44
C PHE A 240 -11.24 0.73 -14.46
N GLY A 241 -11.18 1.40 -13.31
CA GLY A 241 -10.17 1.13 -12.29
C GLY A 241 -10.17 -0.30 -11.75
N VAL A 242 -11.36 -0.77 -11.34
CA VAL A 242 -11.51 -2.12 -10.79
C VAL A 242 -11.25 -3.17 -11.87
N PRO A 243 -11.91 -3.13 -13.06
CA PRO A 243 -11.56 -4.05 -14.14
C PRO A 243 -10.10 -4.05 -14.56
N ILE A 244 -9.40 -2.91 -14.47
CA ILE A 244 -7.96 -2.86 -14.72
C ILE A 244 -7.19 -3.59 -13.61
N SER A 245 -7.52 -3.28 -12.34
CA SER A 245 -6.92 -3.92 -11.18
C SER A 245 -7.03 -5.44 -11.28
N ILE A 246 -8.19 -5.96 -11.71
CA ILE A 246 -8.47 -7.37 -11.86
C ILE A 246 -7.61 -7.96 -12.97
N LEU A 247 -7.62 -7.31 -14.14
CA LEU A 247 -6.88 -7.77 -15.31
C LEU A 247 -5.38 -7.86 -15.04
N ILE A 248 -4.79 -6.86 -14.36
CA ILE A 248 -3.38 -6.86 -13.98
C ILE A 248 -3.05 -8.11 -13.16
N MET A 249 -3.72 -8.32 -12.02
CA MET A 249 -3.37 -9.36 -11.07
C MET A 249 -3.78 -10.74 -11.57
N VAL A 250 -4.73 -10.82 -12.51
CA VAL A 250 -5.09 -12.08 -13.17
C VAL A 250 -3.97 -12.51 -14.11
N LEU A 251 -3.31 -11.55 -14.77
CA LEU A 251 -2.18 -11.83 -15.65
C LEU A 251 -0.93 -12.18 -14.84
N VAL A 252 -0.73 -11.54 -13.69
CA VAL A 252 0.35 -11.88 -12.77
C VAL A 252 0.27 -13.38 -12.41
N ASP A 253 -0.92 -13.87 -12.02
CA ASP A 253 -1.14 -15.25 -11.66
C ASP A 253 -0.96 -16.20 -12.85
N PHE A 254 -1.28 -15.72 -14.05
CA PHE A 254 -1.27 -16.52 -15.26
C PHE A 254 0.13 -16.99 -15.61
N PHE A 255 1.10 -16.05 -15.46
CA PHE A 255 2.50 -16.27 -15.82
C PHE A 255 3.28 -17.06 -14.77
N ILE A 256 2.86 -17.00 -13.50
CA ILE A 256 3.37 -17.82 -12.43
C ILE A 256 2.83 -19.24 -12.62
N GLN A 257 3.71 -20.18 -13.03
CA GLN A 257 3.30 -21.47 -13.57
C GLN A 257 3.04 -22.51 -12.48
N ASP A 258 4.10 -22.82 -11.69
CA ASP A 258 4.15 -24.03 -10.90
C ASP A 258 3.44 -23.90 -9.54
N THR A 259 3.07 -22.66 -9.15
CA THR A 259 2.37 -22.41 -7.89
C THR A 259 0.87 -22.58 -8.08
N TYR A 260 0.22 -23.27 -7.13
CA TYR A 260 -1.23 -23.46 -7.09
C TYR A 260 -1.94 -22.30 -6.37
N THR A 261 -3.02 -21.81 -6.98
CA THR A 261 -3.97 -20.89 -6.38
C THR A 261 -5.39 -21.35 -6.75
N GLN A 262 -6.36 -21.13 -5.85
CA GLN A 262 -7.73 -21.52 -6.06
C GLN A 262 -8.39 -20.60 -7.07
N LYS A 263 -9.13 -21.22 -8.04
CA LYS A 263 -9.83 -20.50 -9.10
C LYS A 263 -11.34 -20.60 -8.91
N LEU A 264 -12.10 -19.70 -9.53
CA LEU A 264 -13.56 -19.81 -9.63
C LEU A 264 -13.94 -21.11 -10.34
N SER A 265 -14.95 -21.81 -9.82
CA SER A 265 -15.45 -23.06 -10.36
C SER A 265 -16.97 -23.02 -10.49
N VAL A 266 -17.49 -23.05 -11.73
CA VAL A 266 -18.92 -23.17 -12.02
C VAL A 266 -19.25 -24.62 -12.32
N PRO A 267 -20.53 -25.04 -12.18
CA PRO A 267 -20.97 -26.41 -12.55
C PRO A 267 -20.78 -26.71 -14.03
N ASP A 268 -20.87 -28.01 -14.39
CA ASP A 268 -20.56 -28.48 -15.74
C ASP A 268 -21.59 -28.00 -16.74
N GLY A 269 -22.88 -28.25 -16.43
CA GLY A 269 -23.97 -27.72 -17.23
C GLY A 269 -25.18 -27.31 -16.40
N PHE A 270 -26.31 -27.02 -17.09
CA PHE A 270 -27.55 -26.57 -16.49
C PHE A 270 -28.42 -27.77 -16.11
N LYS A 271 -28.19 -28.29 -14.89
CA LYS A 271 -28.89 -29.45 -14.36
C LYS A 271 -28.85 -29.42 -12.84
N VAL A 272 -29.94 -29.87 -12.21
CA VAL A 272 -30.11 -29.85 -10.76
C VAL A 272 -28.94 -30.57 -10.08
N SER A 273 -28.57 -30.08 -8.88
CA SER A 273 -27.38 -30.50 -8.16
C SER A 273 -27.43 -31.97 -7.72
N ASN A 274 -28.62 -32.44 -7.33
CA ASN A 274 -28.87 -33.84 -7.00
C ASN A 274 -30.08 -34.31 -7.83
N SER A 275 -29.79 -35.09 -8.90
CA SER A 275 -30.79 -35.51 -9.87
C SER A 275 -31.71 -36.59 -9.31
N SER A 276 -31.20 -37.41 -8.37
CA SER A 276 -31.98 -38.47 -7.73
C SER A 276 -33.03 -37.91 -6.76
N ALA A 277 -32.61 -36.92 -5.95
CA ALA A 277 -33.45 -36.33 -4.92
C ALA A 277 -34.68 -35.62 -5.50
N ARG A 278 -34.50 -34.89 -6.61
CA ARG A 278 -35.52 -33.99 -7.14
C ARG A 278 -35.38 -33.83 -8.65
N GLY A 279 -36.44 -33.30 -9.28
CA GLY A 279 -36.40 -32.81 -10.65
C GLY A 279 -36.41 -31.29 -10.68
N TRP A 280 -36.89 -30.68 -11.78
CA TRP A 280 -36.94 -29.23 -11.94
C TRP A 280 -38.12 -28.62 -11.20
N VAL A 281 -39.32 -29.23 -11.38
CA VAL A 281 -40.56 -28.81 -10.74
C VAL A 281 -40.84 -29.70 -9.53
N ILE A 282 -41.03 -29.07 -8.35
CA ILE A 282 -41.28 -29.78 -7.10
C ILE A 282 -42.79 -29.90 -6.86
N HIS A 283 -43.27 -31.12 -6.58
CA HIS A 283 -44.68 -31.40 -6.35
CA HIS A 283 -44.68 -31.40 -6.35
C HIS A 283 -45.07 -30.92 -4.95
N PRO A 284 -46.11 -30.05 -4.81
CA PRO A 284 -46.56 -29.64 -3.48
C PRO A 284 -46.94 -30.78 -2.55
N LEU A 285 -47.72 -31.75 -3.06
CA LEU A 285 -48.28 -32.80 -2.22
C LEU A 285 -47.23 -33.83 -1.78
N GLY A 286 -46.09 -33.89 -2.49
CA GLY A 286 -44.93 -34.67 -2.07
C GLY A 286 -44.25 -35.34 -3.28
N LEU A 287 -42.96 -35.70 -3.08
CA LEU A 287 -42.17 -36.36 -4.12
C LEU A 287 -42.31 -37.87 -3.99
N ARG A 288 -41.91 -38.42 -2.82
CA ARG A 288 -42.01 -39.85 -2.51
C ARG A 288 -43.15 -40.12 -1.52
N SER A 289 -43.06 -39.51 -0.32
CA SER A 289 -44.05 -39.64 0.74
C SER A 289 -45.09 -38.52 0.64
N GLU A 290 -46.27 -38.75 1.23
CA GLU A 290 -47.34 -37.76 1.26
C GLU A 290 -46.99 -36.67 2.27
N PHE A 291 -47.03 -35.40 1.82
CA PHE A 291 -46.70 -34.26 2.65
C PHE A 291 -47.83 -33.99 3.63
N PRO A 292 -47.55 -33.86 4.95
CA PRO A 292 -48.62 -33.81 5.96
C PRO A 292 -49.33 -32.47 6.04
N ILE A 293 -50.63 -32.50 6.39
CA ILE A 293 -51.53 -31.35 6.32
C ILE A 293 -51.19 -30.33 7.41
N TRP A 294 -50.71 -30.79 8.57
CA TRP A 294 -50.34 -29.90 9.68
C TRP A 294 -49.24 -28.93 9.26
N MET A 295 -48.27 -29.44 8.49
CA MET A 295 -47.11 -28.66 8.03
C MET A 295 -47.50 -27.67 6.93
N MET A 296 -48.58 -27.98 6.17
CA MET A 296 -49.11 -27.05 5.17
C MET A 296 -49.66 -25.79 5.83
N PHE A 297 -50.11 -25.88 7.08
CA PHE A 297 -50.61 -24.76 7.86
C PHE A 297 -49.52 -24.16 8.74
N ALA A 298 -48.66 -25.02 9.31
CA ALA A 298 -47.59 -24.62 10.21
C ALA A 298 -46.51 -23.82 9.49
N SER A 299 -46.40 -24.00 8.16
CA SER A 299 -45.42 -23.31 7.32
C SER A 299 -45.61 -21.78 7.32
N ALA A 300 -46.78 -21.31 7.78
CA ALA A 300 -47.07 -19.89 7.98
C ALA A 300 -46.07 -19.23 8.95
N LEU A 301 -45.58 -19.99 9.93
CA LEU A 301 -44.67 -19.47 10.96
C LEU A 301 -43.29 -19.18 10.37
N PRO A 302 -42.58 -20.17 9.75
CA PRO A 302 -41.36 -19.89 9.00
C PRO A 302 -41.50 -18.79 7.93
N ALA A 303 -42.68 -18.68 7.30
CA ALA A 303 -42.95 -17.71 6.25
C ALA A 303 -42.85 -16.28 6.77
N LEU A 304 -43.30 -16.05 8.01
CA LEU A 304 -43.21 -14.74 8.66
C LEU A 304 -41.76 -14.35 8.93
N LEU A 305 -40.94 -15.32 9.36
CA LEU A 305 -39.53 -15.06 9.61
C LEU A 305 -38.80 -14.72 8.31
N VAL A 306 -39.04 -15.50 7.25
CA VAL A 306 -38.43 -15.27 5.94
C VAL A 306 -38.88 -13.91 5.39
N PHE A 307 -40.16 -13.58 5.55
CA PHE A 307 -40.72 -12.31 5.10
C PHE A 307 -39.97 -11.14 5.72
N ILE A 308 -39.88 -11.13 7.05
CA ILE A 308 -39.22 -10.11 7.86
C ILE A 308 -37.74 -9.97 7.46
N LEU A 309 -37.07 -11.12 7.27
CA LEU A 309 -35.69 -11.16 6.86
C LEU A 309 -35.52 -10.42 5.53
N ILE A 310 -36.36 -10.75 4.54
CA ILE A 310 -36.27 -10.18 3.20
C ILE A 310 -36.70 -8.71 3.21
N PHE A 311 -37.81 -8.41 3.89
CA PHE A 311 -38.38 -7.07 3.98
C PHE A 311 -37.39 -6.07 4.56
N LEU A 312 -36.84 -6.34 5.74
CA LEU A 312 -36.00 -5.39 6.47
C LEU A 312 -34.74 -5.06 5.68
N GLU A 313 -34.02 -6.08 5.18
CA GLU A 313 -32.77 -5.83 4.49
C GLU A 313 -33.02 -5.15 3.15
N SER A 314 -34.14 -5.48 2.48
CA SER A 314 -34.50 -4.94 1.18
C SER A 314 -35.00 -3.51 1.24
N GLN A 315 -35.83 -3.19 2.24
CA GLN A 315 -36.43 -1.86 2.36
C GLN A 315 -35.42 -0.88 2.95
N ILE A 316 -34.55 -1.30 3.88
CA ILE A 316 -33.47 -0.48 4.40
C ILE A 316 -32.41 -0.21 3.33
N THR A 317 -32.10 -1.22 2.51
CA THR A 317 -31.21 -1.05 1.38
C THR A 317 -31.72 0.05 0.46
N THR A 318 -33.02 0.03 0.17
CA THR A 318 -33.70 1.04 -0.66
C THR A 318 -33.61 2.45 -0.07
N LEU A 319 -33.77 2.58 1.26
CA LEU A 319 -33.62 3.86 1.96
C LEU A 319 -32.21 4.43 1.77
N ILE A 320 -31.20 3.59 2.01
CA ILE A 320 -29.79 3.97 1.92
C ILE A 320 -29.46 4.43 0.50
N VAL A 321 -29.90 3.68 -0.52
CA VAL A 321 -29.58 3.94 -1.92
C VAL A 321 -30.32 5.18 -2.41
N SER A 322 -31.60 5.33 -2.01
CA SER A 322 -32.46 6.39 -2.51
C SER A 322 -32.49 7.58 -1.55
N LYS A 323 -31.33 7.94 -0.99
CA LYS A 323 -31.18 9.08 -0.07
C LYS A 323 -31.15 10.37 -0.90
N PRO A 324 -31.62 11.52 -0.35
CA PRO A 324 -31.48 12.80 -1.03
C PRO A 324 -30.04 13.19 -1.37
N GLU A 325 -29.09 12.87 -0.45
CA GLU A 325 -27.69 13.21 -0.61
C GLU A 325 -27.14 12.69 -1.95
N ARG A 326 -27.44 11.43 -2.29
CA ARG A 326 -27.08 10.83 -3.56
C ARG A 326 -28.06 11.32 -4.65
N LYS A 327 -27.58 11.91 -5.72
CA LYS A 327 -28.43 12.67 -6.63
C LYS A 327 -29.22 11.71 -7.53
N MET A 328 -30.30 11.13 -6.95
CA MET A 328 -31.18 10.22 -7.67
C MET A 328 -32.56 10.84 -7.83
N VAL A 329 -32.93 11.17 -9.07
CA VAL A 329 -34.10 11.98 -9.40
C VAL A 329 -35.26 11.12 -9.89
N LYS A 330 -34.97 9.98 -10.52
CA LYS A 330 -35.97 9.15 -11.22
C LYS A 330 -37.08 8.72 -10.25
N GLY A 331 -36.71 8.34 -9.02
CA GLY A 331 -37.67 8.03 -7.98
C GLY A 331 -37.67 6.54 -7.62
N SER A 332 -37.73 6.24 -6.32
CA SER A 332 -37.75 4.87 -5.81
C SER A 332 -39.20 4.46 -5.51
N GLY A 333 -39.44 3.15 -5.54
CA GLY A 333 -40.73 2.56 -5.22
C GLY A 333 -40.57 1.39 -4.24
N PHE A 334 -41.10 1.58 -3.01
CA PHE A 334 -41.00 0.59 -1.95
C PHE A 334 -42.08 -0.49 -2.08
N HIS A 335 -43.25 -0.12 -2.62
CA HIS A 335 -44.39 -1.01 -2.73
C HIS A 335 -44.20 -2.02 -3.86
N LEU A 336 -43.64 -1.57 -4.99
CA LEU A 336 -43.45 -2.40 -6.18
C LEU A 336 -42.30 -3.36 -5.97
N ASP A 337 -41.17 -2.86 -5.43
CA ASP A 337 -39.97 -3.66 -5.24
C ASP A 337 -40.21 -4.80 -4.25
N LEU A 338 -40.96 -4.52 -3.18
CA LEU A 338 -41.31 -5.54 -2.18
C LEU A 338 -42.09 -6.68 -2.83
N LEU A 339 -43.08 -6.35 -3.66
CA LEU A 339 -43.93 -7.32 -4.30
C LEU A 339 -43.13 -8.24 -5.24
N LEU A 340 -42.22 -7.66 -6.06
CA LEU A 340 -41.40 -8.42 -6.99
C LEU A 340 -40.44 -9.39 -6.27
N VAL A 341 -39.63 -8.85 -5.35
CA VAL A 341 -38.62 -9.62 -4.63
C VAL A 341 -39.26 -10.81 -3.91
N VAL A 342 -40.30 -10.55 -3.12
CA VAL A 342 -40.95 -11.57 -2.28
C VAL A 342 -41.89 -12.45 -3.11
N GLY A 343 -42.56 -11.85 -4.09
CA GLY A 343 -43.40 -12.58 -5.05
C GLY A 343 -42.60 -13.61 -5.86
N MET A 344 -41.52 -13.16 -6.50
CA MET A 344 -40.63 -14.01 -7.27
C MET A 344 -40.01 -15.10 -6.39
N GLY A 345 -39.69 -14.76 -5.15
CA GLY A 345 -39.12 -15.70 -4.19
C GLY A 345 -40.07 -16.83 -3.84
N GLY A 346 -41.36 -16.50 -3.67
CA GLY A 346 -42.39 -17.49 -3.40
C GLY A 346 -42.57 -18.48 -4.55
N VAL A 347 -42.47 -17.98 -5.80
CA VAL A 347 -42.61 -18.80 -7.00
C VAL A 347 -41.36 -19.63 -7.23
N ALA A 348 -40.18 -19.07 -6.94
CA ALA A 348 -38.91 -19.76 -7.09
C ALA A 348 -38.92 -21.09 -6.34
N ALA A 349 -39.51 -21.10 -5.14
CA ALA A 349 -39.62 -22.26 -4.27
C ALA A 349 -40.22 -23.44 -5.01
N LEU A 350 -41.22 -23.18 -5.87
CA LEU A 350 -41.95 -24.20 -6.61
C LEU A 350 -41.07 -24.94 -7.62
N PHE A 351 -39.97 -24.30 -8.05
CA PHE A 351 -38.94 -24.90 -8.91
C PHE A 351 -37.69 -25.24 -8.12
N GLY A 352 -37.81 -25.40 -6.80
CA GLY A 352 -36.74 -25.80 -5.93
C GLY A 352 -35.54 -24.86 -5.98
N MET A 353 -35.79 -23.55 -6.15
CA MET A 353 -34.73 -22.57 -6.22
C MET A 353 -34.88 -21.53 -5.12
N PRO A 354 -33.78 -20.93 -4.63
CA PRO A 354 -33.83 -20.02 -3.49
C PRO A 354 -34.58 -18.72 -3.73
N TRP A 355 -35.37 -18.29 -2.74
CA TRP A 355 -35.83 -16.90 -2.66
C TRP A 355 -34.62 -16.03 -2.32
N LEU A 356 -34.56 -14.83 -2.92
CA LEU A 356 -33.42 -13.92 -2.82
C LEU A 356 -33.85 -12.63 -2.10
N SER A 357 -32.97 -11.61 -2.05
CA SER A 357 -33.23 -10.33 -1.38
C SER A 357 -32.31 -9.24 -1.93
N ALA A 358 -32.77 -7.98 -1.89
CA ALA A 358 -31.94 -6.84 -2.21
C ALA A 358 -30.86 -6.67 -1.15
N THR A 359 -29.62 -6.97 -1.52
CA THR A 359 -28.46 -7.01 -0.63
C THR A 359 -27.76 -5.67 -0.64
N THR A 360 -27.30 -5.23 0.55
CA THR A 360 -26.86 -3.86 0.82
C THR A 360 -25.52 -3.52 0.16
N VAL A 361 -24.47 -4.34 0.41
CA VAL A 361 -23.11 -3.96 -0.02
C VAL A 361 -23.05 -3.94 -1.56
N ARG A 362 -23.64 -4.92 -2.23
CA ARG A 362 -23.66 -5.00 -3.68
C ARG A 362 -24.48 -3.86 -4.31
N SER A 363 -25.69 -3.61 -3.78
CA SER A 363 -26.57 -2.56 -4.26
C SER A 363 -25.90 -1.20 -4.12
N VAL A 364 -25.24 -0.97 -2.98
CA VAL A 364 -24.56 0.28 -2.69
C VAL A 364 -23.33 0.44 -3.59
N THR A 365 -22.62 -0.66 -3.84
CA THR A 365 -21.48 -0.69 -4.75
C THR A 365 -21.93 -0.34 -6.15
N HIS A 366 -23.08 -0.92 -6.58
CA HIS A 366 -23.65 -0.70 -7.91
C HIS A 366 -24.03 0.75 -8.10
N ALA A 367 -24.63 1.37 -7.07
CA ALA A 367 -25.10 2.74 -7.12
C ALA A 367 -23.91 3.71 -7.16
N ASN A 368 -22.89 3.45 -6.32
CA ASN A 368 -21.67 4.25 -6.28
C ASN A 368 -20.90 4.19 -7.63
N ALA A 369 -20.85 3.04 -8.28
CA ALA A 369 -20.20 2.84 -9.55
C ALA A 369 -20.81 3.71 -10.65
N LEU A 370 -22.10 4.00 -10.56
CA LEU A 370 -22.83 4.75 -11.58
C LEU A 370 -22.89 6.24 -11.25
N THR A 371 -22.37 6.63 -10.09
CA THR A 371 -22.27 8.01 -9.65
C THR A 371 -21.09 8.71 -10.30
N VAL A 372 -21.34 9.89 -10.91
CA VAL A 372 -20.32 10.77 -11.48
C VAL A 372 -19.98 11.87 -10.48
N MET A 373 -18.71 12.28 -10.41
CA MET A 373 -18.21 13.22 -9.40
C MET A 373 -17.87 14.55 -10.09
N GLY A 374 -18.52 15.64 -9.62
CA GLY A 374 -18.28 16.99 -10.10
C GLY A 374 -17.24 17.72 -9.24
N LYS A 375 -16.47 18.61 -9.88
CA LYS A 375 -15.35 19.32 -9.27
C LYS A 375 -14.26 18.32 -8.82
N ALA A 383 -14.97 17.40 -3.43
CA ALA A 383 -15.70 16.58 -4.43
C ALA A 383 -17.17 16.47 -4.04
N GLN A 384 -18.07 16.71 -5.01
CA GLN A 384 -19.52 16.68 -4.84
C GLN A 384 -20.13 15.71 -5.85
N ILE A 385 -21.33 15.19 -5.55
CA ILE A 385 -22.09 14.33 -6.46
C ILE A 385 -22.89 15.20 -7.44
N GLN A 386 -22.62 15.06 -8.75
CA GLN A 386 -23.34 15.75 -9.79
C GLN A 386 -24.65 15.04 -10.11
N GLU A 387 -24.57 13.76 -10.50
CA GLU A 387 -25.71 12.93 -10.84
C GLU A 387 -25.34 11.45 -10.71
N VAL A 388 -26.37 10.60 -10.86
CA VAL A 388 -26.23 9.15 -10.96
C VAL A 388 -26.80 8.69 -12.31
N LYS A 389 -26.14 7.70 -12.93
CA LYS A 389 -26.64 7.08 -14.15
C LYS A 389 -27.66 6.00 -13.81
N GLU A 390 -28.90 6.40 -13.54
CA GLU A 390 -30.02 5.52 -13.24
C GLU A 390 -30.57 4.97 -14.56
N GLN A 391 -30.39 3.66 -14.76
CA GLN A 391 -30.83 2.95 -15.93
C GLN A 391 -31.06 1.48 -15.55
N ARG A 392 -31.67 0.72 -16.48
CA ARG A 392 -32.03 -0.67 -16.27
C ARG A 392 -31.06 -1.65 -16.94
N ILE A 393 -30.07 -1.16 -17.68
CA ILE A 393 -29.21 -1.99 -18.52
C ILE A 393 -28.09 -2.65 -17.73
N SER A 394 -27.45 -1.90 -16.82
CA SER A 394 -26.45 -2.43 -15.90
C SER A 394 -26.99 -3.69 -15.20
N GLY A 395 -28.11 -3.51 -14.48
CA GLY A 395 -28.70 -4.58 -13.73
C GLY A 395 -29.16 -5.78 -14.55
N LEU A 396 -29.64 -5.52 -15.77
CA LEU A 396 -30.01 -6.55 -16.72
C LEU A 396 -28.81 -7.36 -17.21
N LEU A 397 -27.73 -6.68 -17.62
CA LEU A 397 -26.53 -7.32 -18.16
C LEU A 397 -25.84 -8.17 -17.10
N VAL A 398 -25.79 -7.72 -15.83
CA VAL A 398 -25.19 -8.49 -14.76
C VAL A 398 -25.99 -9.77 -14.51
N ALA A 399 -27.32 -9.68 -14.54
CA ALA A 399 -28.20 -10.82 -14.34
C ALA A 399 -28.05 -11.84 -15.45
N VAL A 400 -27.83 -11.36 -16.70
CA VAL A 400 -27.68 -12.22 -17.86
C VAL A 400 -26.33 -12.93 -17.79
N LEU A 401 -25.27 -12.20 -17.42
CA LEU A 401 -23.91 -12.74 -17.32
C LEU A 401 -23.82 -13.85 -16.26
N VAL A 402 -24.44 -13.62 -15.10
CA VAL A 402 -24.49 -14.62 -14.03
C VAL A 402 -25.17 -15.89 -14.50
N GLY A 403 -26.23 -15.76 -15.31
CA GLY A 403 -26.91 -16.90 -15.93
C GLY A 403 -26.02 -17.69 -16.89
N LEU A 404 -25.24 -16.97 -17.72
CA LEU A 404 -24.35 -17.55 -18.74
C LEU A 404 -23.02 -18.04 -18.16
N SER A 405 -22.69 -17.65 -16.93
CA SER A 405 -21.41 -17.99 -16.27
C SER A 405 -21.00 -19.45 -16.45
N ILE A 406 -21.96 -20.38 -16.45
CA ILE A 406 -21.72 -21.79 -16.69
C ILE A 406 -21.12 -22.03 -18.08
N LEU A 407 -21.58 -21.30 -19.09
CA LEU A 407 -21.09 -21.44 -20.45
C LEU A 407 -19.67 -20.88 -20.59
N MET A 408 -19.37 -19.82 -19.82
CA MET A 408 -18.09 -19.12 -19.91
C MET A 408 -17.16 -19.54 -18.79
N GLU A 409 -17.01 -20.86 -18.60
CA GLU A 409 -16.10 -21.47 -17.65
C GLU A 409 -14.64 -21.28 -18.06
N PRO A 410 -14.26 -21.43 -19.36
CA PRO A 410 -12.90 -21.15 -19.82
C PRO A 410 -12.25 -19.83 -19.40
N ILE A 411 -13.04 -18.77 -19.25
CA ILE A 411 -12.55 -17.47 -18.81
C ILE A 411 -12.42 -17.48 -17.29
N LEU A 412 -13.45 -18.00 -16.59
CA LEU A 412 -13.58 -17.94 -15.14
C LEU A 412 -12.56 -18.84 -14.47
N SER A 413 -12.18 -19.95 -15.13
CA SER A 413 -11.23 -20.91 -14.59
C SER A 413 -9.80 -20.36 -14.48
N ARG A 414 -9.59 -19.12 -14.95
CA ARG A 414 -8.23 -18.50 -14.90
C ARG A 414 -8.24 -17.34 -13.91
N ILE A 415 -9.38 -17.06 -13.28
CA ILE A 415 -9.51 -16.00 -12.29
C ILE A 415 -9.30 -16.55 -10.90
N PRO A 416 -8.23 -16.15 -10.16
CA PRO A 416 -8.07 -16.54 -8.77
C PRO A 416 -9.10 -15.87 -7.85
N LEU A 417 -9.49 -16.55 -6.77
CA LEU A 417 -10.35 -15.98 -5.77
C LEU A 417 -9.60 -14.90 -4.99
N ALA A 418 -8.33 -15.19 -4.65
CA ALA A 418 -7.46 -14.28 -3.92
C ALA A 418 -7.54 -12.87 -4.53
N VAL A 419 -7.62 -12.77 -5.85
CA VAL A 419 -7.74 -11.50 -6.57
C VAL A 419 -9.04 -10.82 -6.18
N LEU A 420 -10.15 -11.59 -6.20
CA LEU A 420 -11.49 -11.09 -5.90
C LEU A 420 -11.64 -10.67 -4.43
N PHE A 421 -10.93 -11.31 -3.49
CA PHE A 421 -10.86 -10.87 -2.10
C PHE A 421 -10.35 -9.44 -1.97
N GLY A 422 -9.37 -9.06 -2.80
CA GLY A 422 -8.93 -7.68 -2.89
C GLY A 422 -10.02 -6.68 -3.31
N ILE A 423 -10.89 -7.10 -4.24
CA ILE A 423 -11.99 -6.28 -4.73
C ILE A 423 -13.10 -6.20 -3.68
N PHE A 424 -13.28 -7.25 -2.85
CA PHE A 424 -14.23 -7.24 -1.76
C PHE A 424 -13.76 -6.31 -0.65
N LEU A 425 -12.46 -6.33 -0.35
CA LEU A 425 -11.88 -5.40 0.60
C LEU A 425 -12.12 -3.97 0.16
N TYR A 426 -11.94 -3.70 -1.13
CA TYR A 426 -12.21 -2.39 -1.73
C TYR A 426 -13.67 -1.99 -1.59
N MET A 427 -14.60 -2.94 -1.86
CA MET A 427 -16.04 -2.69 -1.78
C MET A 427 -16.46 -2.34 -0.34
N GLY A 428 -15.99 -3.13 0.63
CA GLY A 428 -16.27 -2.93 2.04
C GLY A 428 -15.82 -1.58 2.56
N VAL A 429 -14.62 -1.17 2.19
CA VAL A 429 -14.02 0.08 2.63
C VAL A 429 -14.77 1.27 2.00
N THR A 430 -15.06 1.16 0.70
CA THR A 430 -15.71 2.20 -0.08
C THR A 430 -17.15 2.39 0.37
N SER A 431 -17.78 1.38 0.95
CA SER A 431 -19.15 1.43 1.40
C SER A 431 -19.31 2.25 2.66
N LEU A 432 -18.25 2.40 3.46
CA LEU A 432 -18.21 3.27 4.64
C LEU A 432 -17.86 4.71 4.23
N SER A 433 -18.81 5.43 3.62
CA SER A 433 -18.53 6.71 2.97
C SER A 433 -19.49 7.82 3.44
N GLY A 434 -20.74 7.73 3.07
CA GLY A 434 -21.68 8.78 3.45
C GLY A 434 -22.36 8.52 4.79
N ILE A 435 -21.95 7.45 5.50
CA ILE A 435 -22.50 7.08 6.80
C ILE A 435 -21.96 8.06 7.85
N GLN A 436 -22.83 8.86 8.46
CA GLN A 436 -22.47 9.86 9.48
C GLN A 436 -21.95 9.21 10.76
N LEU A 437 -22.35 8.00 11.06
CA LEU A 437 -21.81 7.24 12.19
C LEU A 437 -20.31 7.08 12.08
N PHE A 438 -19.82 6.68 10.90
CA PHE A 438 -18.41 6.45 10.64
C PHE A 438 -17.63 7.76 10.77
N ASP A 439 -18.22 8.87 10.28
CA ASP A 439 -17.64 10.20 10.34
C ASP A 439 -17.44 10.61 11.80
N ARG A 440 -18.45 10.39 12.63
CA ARG A 440 -18.39 10.79 14.06
C ARG A 440 -17.44 9.84 14.82
N ILE A 441 -17.38 8.56 14.42
CA ILE A 441 -16.44 7.63 15.05
C ILE A 441 -15.01 8.12 14.82
N LEU A 442 -14.73 8.75 13.68
CA LEU A 442 -13.40 9.27 13.36
C LEU A 442 -13.08 10.51 14.20
N LEU A 443 -14.09 11.31 14.59
CA LEU A 443 -13.91 12.52 15.37
C LEU A 443 -13.60 12.20 16.86
N LEU A 444 -13.77 10.95 17.30
CA LEU A 444 -13.32 10.53 18.61
C LEU A 444 -11.80 10.71 18.74
N PHE A 445 -11.06 10.59 17.63
CA PHE A 445 -9.61 10.56 17.57
C PHE A 445 -9.00 11.90 17.15
N LYS A 446 -9.71 12.71 16.38
CA LYS A 446 -9.31 14.08 16.09
C LYS A 446 -9.56 14.96 17.31
N PRO A 447 -8.65 15.92 17.63
CA PRO A 447 -8.93 16.96 18.61
C PRO A 447 -10.05 17.88 18.14
N PRO A 448 -10.79 18.56 19.05
CA PRO A 448 -11.98 19.30 18.68
C PRO A 448 -11.74 20.58 17.90
N LYS A 449 -10.48 21.00 17.82
CA LYS A 449 -10.05 22.13 16.98
C LYS A 449 -10.16 21.79 15.49
N TYR A 450 -9.79 20.56 15.12
CA TYR A 450 -9.77 20.07 13.75
C TYR A 450 -11.00 19.20 13.51
N HIS A 451 -12.18 19.76 13.84
CA HIS A 451 -13.49 19.15 13.60
C HIS A 451 -14.20 19.98 12.52
N PRO A 452 -15.00 19.33 11.65
CA PRO A 452 -15.62 20.03 10.51
C PRO A 452 -16.72 20.99 10.96
N ASP A 453 -17.23 21.79 10.00
CA ASP A 453 -18.24 22.82 10.24
C ASP A 453 -19.65 22.30 9.90
N VAL A 454 -19.86 20.97 10.02
CA VAL A 454 -21.17 20.35 9.89
C VAL A 454 -22.04 20.76 11.07
N PRO A 455 -23.38 20.87 10.92
CA PRO A 455 -24.26 21.37 11.97
C PRO A 455 -24.18 20.68 13.34
N TYR A 456 -23.93 19.38 13.37
CA TYR A 456 -23.93 18.59 14.61
C TYR A 456 -22.65 18.81 15.41
N VAL A 457 -21.67 19.53 14.82
CA VAL A 457 -20.42 19.90 15.51
C VAL A 457 -20.58 21.27 16.15
N LYS A 458 -21.18 22.23 15.42
CA LYS A 458 -21.38 23.59 15.89
C LYS A 458 -22.44 23.66 17.00
N ARG A 459 -23.58 22.98 16.80
CA ARG A 459 -24.80 23.19 17.58
C ARG A 459 -24.89 22.21 18.77
N VAL A 460 -23.99 21.23 18.84
CA VAL A 460 -23.95 20.21 19.89
C VAL A 460 -22.57 20.26 20.56
N LYS A 461 -22.53 20.14 21.90
CA LYS A 461 -21.29 20.14 22.67
C LYS A 461 -20.53 18.83 22.41
N THR A 462 -19.20 18.90 22.29
CA THR A 462 -18.38 17.82 21.76
C THR A 462 -18.56 16.50 22.53
N TRP A 463 -18.74 16.57 23.85
CA TRP A 463 -18.84 15.37 24.67
C TRP A 463 -20.22 14.71 24.54
N ARG A 464 -21.27 15.52 24.34
CA ARG A 464 -22.61 15.03 24.08
C ARG A 464 -22.69 14.36 22.71
N MET A 465 -22.07 14.98 21.67
CA MET A 465 -21.89 14.34 20.37
C MET A 465 -21.22 12.97 20.54
N HIS A 466 -20.19 12.91 21.39
CA HIS A 466 -19.43 11.69 21.64
C HIS A 466 -20.27 10.67 22.40
N LEU A 467 -21.09 11.12 23.34
CA LEU A 467 -21.98 10.24 24.09
C LEU A 467 -22.96 9.58 23.12
N PHE A 468 -23.50 10.37 22.18
CA PHE A 468 -24.41 9.86 21.17
C PHE A 468 -23.73 8.79 20.28
N THR A 469 -22.49 9.05 19.83
CA THR A 469 -21.69 8.09 19.09
C THR A 469 -21.45 6.79 19.88
N GLY A 470 -21.10 6.94 21.16
CA GLY A 470 -20.85 5.81 22.03
C GLY A 470 -22.04 4.88 22.20
N ILE A 471 -23.25 5.45 22.32
CA ILE A 471 -24.47 4.66 22.45
C ILE A 471 -24.72 3.83 21.18
N GLN A 472 -24.41 4.40 20.00
CA GLN A 472 -24.51 3.66 18.76
C GLN A 472 -23.44 2.55 18.67
N ILE A 473 -22.23 2.79 19.19
CA ILE A 473 -21.18 1.78 19.26
C ILE A 473 -21.59 0.62 20.17
N ILE A 474 -22.32 0.90 21.27
CA ILE A 474 -22.83 -0.13 22.15
C ILE A 474 -23.90 -0.98 21.46
N CYS A 475 -24.72 -0.35 20.61
CA CYS A 475 -25.69 -1.08 19.78
C CYS A 475 -24.98 -2.06 18.82
N LEU A 476 -23.94 -1.58 18.13
CA LEU A 476 -23.17 -2.40 17.21
C LEU A 476 -22.55 -3.62 17.93
N ALA A 477 -22.03 -3.41 19.14
CA ALA A 477 -21.44 -4.47 19.96
C ALA A 477 -22.48 -5.54 20.31
N VAL A 478 -23.63 -5.10 20.84
CA VAL A 478 -24.73 -6.00 21.17
C VAL A 478 -25.19 -6.78 19.96
N LEU A 479 -25.25 -6.15 18.80
CA LEU A 479 -25.64 -6.80 17.55
C LEU A 479 -24.62 -7.85 17.11
N TRP A 480 -23.32 -7.51 17.25
CA TRP A 480 -22.24 -8.43 16.87
C TRP A 480 -22.20 -9.68 17.78
N VAL A 481 -22.58 -9.52 19.07
CA VAL A 481 -22.62 -10.63 20.00
C VAL A 481 -23.77 -11.57 19.66
N VAL A 482 -24.96 -11.02 19.33
CA VAL A 482 -26.10 -11.83 18.92
C VAL A 482 -25.78 -12.55 17.63
N LYS A 483 -25.04 -11.89 16.72
CA LYS A 483 -24.54 -12.50 15.50
C LYS A 483 -23.76 -13.77 15.84
N SER A 484 -22.81 -13.68 16.79
CA SER A 484 -21.90 -14.76 17.17
C SER A 484 -22.61 -15.96 17.80
N THR A 485 -23.62 -15.70 18.64
CA THR A 485 -24.38 -16.74 19.33
C THR A 485 -25.21 -17.56 18.35
N PRO A 486 -25.72 -18.77 18.74
CA PRO A 486 -26.60 -19.56 17.89
C PRO A 486 -27.85 -18.85 17.36
N ALA A 487 -28.44 -17.96 18.18
CA ALA A 487 -29.66 -17.24 17.78
C ALA A 487 -29.31 -16.01 16.94
N SER A 488 -28.86 -16.25 15.70
CA SER A 488 -28.41 -15.24 14.75
C SER A 488 -29.54 -14.75 13.84
N LEU A 489 -30.65 -15.52 13.78
CA LEU A 489 -31.82 -15.16 12.99
C LEU A 489 -32.61 -14.03 13.70
N ALA A 490 -32.25 -13.72 14.96
CA ALA A 490 -32.87 -12.66 15.73
C ALA A 490 -32.35 -11.27 15.34
N LEU A 491 -31.21 -11.20 14.64
CA LEU A 491 -30.52 -9.95 14.31
C LEU A 491 -31.48 -8.91 13.75
N PRO A 492 -32.34 -9.24 12.75
CA PRO A 492 -33.35 -8.30 12.25
C PRO A 492 -34.27 -7.72 13.33
N PHE A 493 -34.65 -8.55 14.32
CA PHE A 493 -35.54 -8.16 15.39
C PHE A 493 -34.82 -7.32 16.46
N VAL A 494 -33.48 -7.39 16.52
CA VAL A 494 -32.68 -6.55 17.41
C VAL A 494 -32.43 -5.19 16.74
N LEU A 495 -32.21 -5.16 15.40
CA LEU A 495 -32.18 -3.92 14.65
C LEU A 495 -33.48 -3.15 14.90
N ILE A 496 -34.63 -3.83 14.85
CA ILE A 496 -35.94 -3.20 15.02
C ILE A 496 -35.96 -2.42 16.34
N LEU A 497 -35.36 -2.97 17.42
CA LEU A 497 -35.39 -2.36 18.75
C LEU A 497 -34.63 -1.04 18.81
N THR A 498 -33.76 -0.78 17.84
CA THR A 498 -33.07 0.49 17.65
C THR A 498 -34.05 1.64 17.36
N VAL A 499 -35.26 1.32 16.90
CA VAL A 499 -36.31 2.29 16.61
C VAL A 499 -36.97 2.79 17.90
N PRO A 500 -37.44 1.90 18.81
CA PRO A 500 -37.75 2.30 20.19
C PRO A 500 -36.67 3.11 20.90
N LEU A 501 -35.40 2.67 20.84
CA LEU A 501 -34.31 3.34 21.52
C LEU A 501 -34.30 4.83 21.14
N ARG A 502 -34.36 5.10 19.84
CA ARG A 502 -34.32 6.46 19.28
C ARG A 502 -35.54 7.27 19.66
N ARG A 503 -36.71 6.62 19.75
CA ARG A 503 -37.99 7.31 19.80
C ARG A 503 -38.46 7.56 21.24
N VAL A 504 -38.14 6.66 22.20
CA VAL A 504 -38.60 6.79 23.58
C VAL A 504 -37.47 7.01 24.58
N LEU A 505 -36.33 6.32 24.44
CA LEU A 505 -35.25 6.34 25.41
C LEU A 505 -34.34 7.59 25.24
N LEU A 506 -33.82 7.78 24.03
CA LEU A 506 -32.84 8.83 23.75
C LEU A 506 -33.38 10.22 24.10
N PRO A 507 -34.65 10.59 23.80
CA PRO A 507 -35.18 11.88 24.23
C PRO A 507 -35.23 12.18 25.73
N LEU A 508 -35.02 11.16 26.58
CA LEU A 508 -34.83 11.37 28.01
C LEU A 508 -33.45 11.99 28.27
N ILE A 509 -32.42 11.43 27.62
CA ILE A 509 -31.04 11.83 27.74
C ILE A 509 -30.79 13.13 26.98
N PHE A 510 -30.94 13.10 25.66
CA PHE A 510 -30.69 14.21 24.76
C PHE A 510 -31.91 15.11 24.61
N ARG A 511 -31.69 16.41 24.46
CA ARG A 511 -32.75 17.39 24.25
C ARG A 511 -33.12 17.35 22.77
N ASN A 512 -34.27 17.94 22.43
CA ASN A 512 -34.86 17.85 21.10
C ASN A 512 -33.92 18.45 20.05
N VAL A 513 -33.28 19.58 20.38
CA VAL A 513 -32.46 20.34 19.45
C VAL A 513 -31.24 19.52 19.02
N GLU A 514 -30.71 18.69 19.93
CA GLU A 514 -29.54 17.86 19.67
C GLU A 514 -29.92 16.68 18.77
N LEU A 515 -31.05 16.02 19.05
CA LEU A 515 -31.54 14.85 18.33
C LEU A 515 -31.95 15.20 16.90
N GLN A 516 -32.35 16.46 16.67
CA GLN A 516 -32.68 16.96 15.34
C GLN A 516 -31.43 17.08 14.46
N CYS A 517 -30.34 17.58 15.05
CA CYS A 517 -29.10 17.88 14.35
C CYS A 517 -28.26 16.61 14.14
N LEU A 518 -28.24 15.74 15.16
CA LEU A 518 -27.52 14.47 15.09
C LEU A 518 -28.21 13.55 14.10
N ASP A 519 -29.43 13.14 14.41
CA ASP A 519 -30.25 12.28 13.57
C ASP A 519 -31.20 13.13 12.72
N ALA A 520 -30.68 13.59 11.56
CA ALA A 520 -31.36 14.46 10.61
C ALA A 520 -31.70 13.68 9.36
N ASP A 521 -32.81 14.06 8.70
CA ASP A 521 -33.29 13.38 7.50
C ASP A 521 -32.38 13.71 6.31
N ASP A 522 -32.30 15.01 5.98
CA ASP A 522 -31.49 15.53 4.89
C ASP A 522 -30.31 16.31 5.49
N ALA A 523 -29.09 15.94 5.08
CA ALA A 523 -27.84 16.53 5.56
C ALA A 523 -26.75 16.30 4.50
N ASP B 1 31.48 35.93 4.67
CA ASP B 1 30.28 35.09 4.96
C ASP B 1 30.03 34.05 3.87
N ASP B 2 30.68 34.20 2.70
CA ASP B 2 30.61 33.20 1.62
C ASP B 2 31.73 32.18 1.82
N PRO B 3 31.42 30.87 2.04
CA PRO B 3 32.44 29.83 2.20
C PRO B 3 33.38 29.70 0.99
N LEU B 4 32.82 29.62 -0.21
CA LEU B 4 33.55 29.32 -1.43
C LEU B 4 34.11 30.61 -2.02
N GLN B 5 35.23 31.09 -1.47
CA GLN B 5 35.85 32.36 -1.83
C GLN B 5 37.36 32.25 -1.57
N GLN B 6 38.16 32.74 -2.54
CA GLN B 6 39.61 32.72 -2.48
C GLN B 6 40.09 33.94 -1.68
N THR B 7 40.81 33.67 -0.58
CA THR B 7 41.29 34.70 0.33
C THR B 7 42.62 35.25 -0.16
N GLY B 8 43.58 34.32 -0.43
CA GLY B 8 44.92 34.67 -0.85
C GLY B 8 45.99 33.97 -0.01
N GLN B 9 45.69 33.80 1.29
CA GLN B 9 46.60 33.17 2.26
C GLN B 9 46.54 31.65 2.12
N LEU B 10 47.65 30.96 2.40
CA LEU B 10 47.70 29.51 2.38
C LEU B 10 46.88 28.96 3.55
N PHE B 11 46.05 27.93 3.27
CA PHE B 11 45.11 27.36 4.21
C PHE B 11 44.10 28.42 4.69
N GLY B 12 43.77 29.37 3.81
CA GLY B 12 42.88 30.46 4.13
C GLY B 12 41.45 29.98 4.36
N GLY B 13 40.94 29.18 3.42
CA GLY B 13 39.61 28.59 3.45
C GLY B 13 39.40 27.65 4.64
N LEU B 14 40.49 26.96 5.03
CA LEU B 14 40.46 26.02 6.15
C LEU B 14 40.34 26.74 7.49
N VAL B 15 41.13 27.80 7.69
CA VAL B 15 41.09 28.59 8.91
C VAL B 15 39.73 29.26 9.06
N ARG B 16 39.15 29.73 7.96
CA ARG B 16 37.83 30.38 7.97
C ARG B 16 36.73 29.36 8.25
N ASP B 17 36.94 28.08 7.88
CA ASP B 17 36.01 27.00 8.16
C ASP B 17 35.96 26.69 9.66
N ILE B 18 37.12 26.64 10.33
CA ILE B 18 37.23 26.31 11.75
C ILE B 18 36.68 27.46 12.60
N ARG B 19 37.15 28.70 12.33
CA ARG B 19 36.69 29.90 13.02
C ARG B 19 35.17 30.06 12.93
N ARG B 20 34.57 29.61 11.81
CA ARG B 20 33.15 29.77 11.54
C ARG B 20 32.32 28.86 12.44
N ARG B 21 32.68 27.56 12.50
CA ARG B 21 31.82 26.52 13.05
C ARG B 21 32.10 26.24 14.52
N TYR B 22 33.39 26.20 14.92
CA TYR B 22 33.80 25.72 16.25
C TYR B 22 33.26 26.59 17.41
N PRO B 23 33.03 27.91 17.24
CA PRO B 23 32.22 28.68 18.20
C PRO B 23 30.87 28.10 18.61
N TYR B 24 30.22 27.33 17.72
CA TYR B 24 28.93 26.71 18.00
C TYR B 24 29.07 25.31 18.61
N TYR B 25 30.23 24.97 19.21
CA TYR B 25 30.53 23.58 19.54
C TYR B 25 29.65 23.08 20.68
N LEU B 26 29.45 23.90 21.71
CA LEU B 26 28.62 23.52 22.86
C LEU B 26 27.18 23.31 22.44
N SER B 27 26.67 24.17 21.53
CA SER B 27 25.34 24.03 20.93
C SER B 27 25.23 22.71 20.17
N ASP B 28 26.34 22.23 19.58
CA ASP B 28 26.37 20.98 18.82
C ASP B 28 26.22 19.74 19.72
N ILE B 29 26.23 19.94 21.05
CA ILE B 29 26.04 18.88 22.03
C ILE B 29 24.64 18.99 22.67
N THR B 30 24.23 20.22 23.03
CA THR B 30 22.99 20.47 23.75
C THR B 30 21.76 20.47 22.84
N ASP B 31 21.95 20.64 21.53
CA ASP B 31 20.87 20.56 20.55
C ASP B 31 20.43 19.12 20.30
N ALA B 32 21.26 18.15 20.73
CA ALA B 32 20.95 16.74 20.50
C ALA B 32 19.91 16.23 21.49
N PHE B 33 19.63 17.00 22.55
CA PHE B 33 18.66 16.61 23.57
C PHE B 33 17.27 16.78 22.98
N SER B 34 16.79 15.72 22.33
CA SER B 34 15.46 15.65 21.74
C SER B 34 15.20 14.24 21.26
N PRO B 35 14.00 13.65 21.45
CA PRO B 35 13.74 12.28 21.03
C PRO B 35 13.86 12.12 19.52
N GLN B 36 13.60 13.19 18.76
CA GLN B 36 13.81 13.16 17.32
C GLN B 36 15.23 12.76 16.95
N VAL B 37 16.22 13.24 17.73
CA VAL B 37 17.63 12.92 17.55
C VAL B 37 17.87 11.45 17.84
N LEU B 38 17.20 10.88 18.85
CA LEU B 38 17.33 9.46 19.17
C LEU B 38 16.69 8.61 18.07
N ALA B 39 15.52 9.00 17.57
CA ALA B 39 14.86 8.31 16.46
C ALA B 39 15.74 8.34 15.22
N ALA B 40 16.48 9.44 14.99
CA ALA B 40 17.43 9.57 13.89
C ALA B 40 18.60 8.60 14.00
N VAL B 41 19.17 8.41 15.19
CA VAL B 41 20.25 7.48 15.45
C VAL B 41 19.89 6.05 15.07
N ILE B 42 18.74 5.56 15.53
CA ILE B 42 18.28 4.20 15.27
C ILE B 42 18.08 3.96 13.77
N PHE B 43 17.54 4.96 13.07
CA PHE B 43 17.26 4.88 11.65
C PHE B 43 18.58 4.81 10.88
N ILE B 44 19.46 5.81 11.10
CA ILE B 44 20.68 5.98 10.35
C ILE B 44 21.72 4.90 10.67
N TYR B 45 21.58 4.24 11.82
CA TYR B 45 22.40 3.09 12.17
C TYR B 45 22.24 1.97 11.15
N PHE B 46 20.99 1.58 10.88
CA PHE B 46 20.65 0.52 9.94
C PHE B 46 20.99 0.92 8.51
N ALA B 47 20.82 2.22 8.19
CA ALA B 47 21.25 2.78 6.92
C ALA B 47 22.77 2.61 6.75
N ALA B 48 23.53 2.84 7.83
CA ALA B 48 24.97 2.80 7.83
C ALA B 48 25.56 1.38 7.92
N LEU B 49 24.93 0.49 8.67
CA LEU B 49 25.44 -0.86 8.93
C LEU B 49 25.33 -1.80 7.74
N SER B 50 24.18 -1.82 7.05
CA SER B 50 23.89 -2.80 6.01
C SER B 50 24.83 -2.65 4.80
N PRO B 51 25.11 -1.44 4.30
CA PRO B 51 26.13 -1.25 3.30
C PRO B 51 27.50 -1.77 3.65
N ALA B 52 27.92 -1.52 4.90
CA ALA B 52 29.20 -1.98 5.42
C ALA B 52 29.28 -3.51 5.42
N ILE B 53 28.15 -4.17 5.74
CA ILE B 53 28.07 -5.62 5.77
C ILE B 53 28.10 -6.17 4.34
N THR B 54 27.36 -5.48 3.43
CA THR B 54 27.16 -5.92 2.07
C THR B 54 28.43 -5.70 1.24
N PHE B 55 28.94 -4.46 1.25
CA PHE B 55 30.13 -4.09 0.49
C PHE B 55 31.37 -4.79 1.03
N GLY B 56 31.38 -4.98 2.37
CA GLY B 56 32.47 -5.67 3.05
C GLY B 56 32.61 -7.12 2.58
N GLY B 57 31.48 -7.77 2.34
CA GLY B 57 31.47 -9.11 1.83
C GLY B 57 31.92 -9.18 0.38
N LEU B 58 31.55 -8.19 -0.43
CA LEU B 58 31.97 -8.11 -1.83
C LEU B 58 33.48 -7.88 -1.94
N LEU B 59 34.05 -7.03 -1.06
CA LEU B 59 35.49 -6.85 -0.95
C LEU B 59 36.16 -8.17 -0.57
N GLY B 60 35.55 -8.92 0.35
CA GLY B 60 36.09 -10.20 0.77
C GLY B 60 36.27 -11.16 -0.38
N GLU B 61 35.24 -11.22 -1.26
CA GLU B 61 35.22 -12.09 -2.42
C GLU B 61 36.23 -11.62 -3.47
N LYS B 62 36.12 -10.35 -3.87
CA LYS B 62 36.87 -9.77 -4.97
C LYS B 62 38.36 -9.62 -4.68
N THR B 63 38.73 -9.62 -3.39
CA THR B 63 40.07 -9.27 -2.91
C THR B 63 40.76 -10.43 -2.16
N ARG B 64 40.15 -11.63 -2.12
CA ARG B 64 40.61 -12.77 -1.33
C ARG B 64 40.81 -12.46 0.16
N ASN B 65 39.90 -11.65 0.72
CA ASN B 65 39.83 -11.30 2.12
C ASN B 65 41.05 -10.53 2.63
N GLN B 66 41.77 -9.87 1.70
CA GLN B 66 42.82 -8.94 2.07
C GLN B 66 42.20 -7.68 2.70
N MET B 67 40.98 -7.36 2.27
CA MET B 67 40.09 -6.46 2.99
C MET B 67 38.69 -7.11 2.96
N GLY B 68 37.98 -7.07 4.09
CA GLY B 68 36.64 -7.62 4.20
C GLY B 68 35.76 -6.79 5.14
N VAL B 69 34.83 -7.44 5.85
CA VAL B 69 33.81 -6.79 6.65
C VAL B 69 34.43 -6.11 7.87
N SER B 70 35.23 -6.86 8.64
CA SER B 70 35.87 -6.35 9.84
C SER B 70 36.58 -5.03 9.54
N GLU B 71 37.44 -5.01 8.51
CA GLU B 71 38.19 -3.83 8.11
C GLU B 71 37.30 -2.62 7.82
N LEU B 72 36.18 -2.84 7.15
CA LEU B 72 35.25 -1.78 6.77
C LEU B 72 34.37 -1.33 7.94
N LEU B 73 34.01 -2.23 8.86
CA LEU B 73 33.29 -1.85 10.09
C LEU B 73 34.16 -0.95 10.96
N ILE B 74 35.43 -1.34 11.18
CA ILE B 74 36.39 -0.55 11.94
C ILE B 74 36.65 0.81 11.30
N SER B 75 36.90 0.84 9.98
CA SER B 75 37.14 2.07 9.26
C SER B 75 35.95 3.03 9.38
N THR B 76 34.77 2.53 9.05
CA THR B 76 33.52 3.27 9.13
C THR B 76 33.30 3.85 10.53
N ALA B 77 33.67 3.09 11.57
CA ALA B 77 33.51 3.47 12.97
C ALA B 77 34.48 4.56 13.36
N VAL B 78 35.78 4.31 13.15
CA VAL B 78 36.83 5.22 13.58
C VAL B 78 36.77 6.55 12.81
N GLN B 79 36.70 6.50 11.48
CA GLN B 79 36.56 7.69 10.67
C GLN B 79 35.24 8.42 10.95
N GLY B 80 34.21 7.67 11.31
CA GLY B 80 32.93 8.22 11.70
C GLY B 80 32.94 9.05 12.98
N ILE B 81 33.69 8.56 13.98
CA ILE B 81 33.87 9.24 15.26
C ILE B 81 34.70 10.51 15.08
N LEU B 82 35.86 10.39 14.43
CA LEU B 82 36.77 11.51 14.22
C LEU B 82 36.09 12.62 13.44
N PHE B 83 35.28 12.27 12.44
CA PHE B 83 34.61 13.26 11.61
C PHE B 83 33.47 13.97 12.36
N ALA B 84 32.75 13.21 13.20
CA ALA B 84 31.67 13.73 14.02
C ALA B 84 32.16 14.76 15.03
N LEU B 85 33.41 14.60 15.51
CA LEU B 85 33.97 15.45 16.55
C LEU B 85 34.72 16.65 15.96
N LEU B 86 35.41 16.45 14.82
CA LEU B 86 36.27 17.49 14.26
C LEU B 86 35.67 18.20 13.03
N GLY B 87 34.71 17.57 12.34
CA GLY B 87 34.22 18.08 11.07
C GLY B 87 33.44 19.39 11.19
N ALA B 88 33.31 20.10 10.05
CA ALA B 88 32.60 21.36 9.94
C ALA B 88 31.11 21.15 9.67
N GLN B 89 30.77 20.07 8.93
CA GLN B 89 29.39 19.65 8.70
C GLN B 89 29.19 18.26 9.29
N PRO B 90 28.78 18.14 10.57
CA PRO B 90 28.58 16.84 11.20
C PRO B 90 27.46 15.96 10.67
N LEU B 91 26.52 16.54 9.90
CA LEU B 91 25.39 15.81 9.36
C LEU B 91 25.76 14.89 8.18
N LEU B 92 26.96 15.06 7.62
CA LEU B 92 27.50 14.14 6.63
C LEU B 92 27.76 12.77 7.29
N VAL B 93 27.56 11.70 6.51
CA VAL B 93 27.67 10.31 6.96
C VAL B 93 28.73 9.64 6.09
N VAL B 94 29.94 9.50 6.63
CA VAL B 94 31.09 8.95 5.91
C VAL B 94 30.95 7.42 5.82
N GLY B 95 31.20 6.85 4.64
CA GLY B 95 31.19 5.40 4.45
C GLY B 95 31.62 4.98 3.04
N PHE B 96 31.71 3.67 2.82
CA PHE B 96 32.09 3.06 1.56
C PHE B 96 30.94 3.19 0.55
N SER B 97 31.27 3.33 -0.75
CA SER B 97 30.35 3.63 -1.81
C SER B 97 30.64 2.75 -3.02
N GLY B 98 29.61 2.49 -3.86
CA GLY B 98 29.73 1.65 -5.03
C GLY B 98 30.94 1.95 -5.93
N PRO B 99 31.11 3.21 -6.33
CA PRO B 99 32.32 3.63 -7.03
C PRO B 99 33.65 3.21 -6.40
N LEU B 100 33.78 3.25 -5.07
CA LEU B 100 34.99 2.87 -4.38
C LEU B 100 35.24 1.36 -4.49
N LEU B 101 34.18 0.55 -4.41
CA LEU B 101 34.25 -0.89 -4.57
C LEU B 101 34.76 -1.25 -5.95
N VAL B 102 34.25 -0.55 -6.98
CA VAL B 102 34.63 -0.77 -8.38
C VAL B 102 36.13 -0.57 -8.55
N PHE B 103 36.67 0.52 -7.95
CA PHE B 103 38.09 0.83 -8.02
C PHE B 103 38.95 -0.26 -7.37
N GLU B 104 38.50 -0.77 -6.22
CA GLU B 104 39.25 -1.74 -5.44
C GLU B 104 39.36 -3.06 -6.21
N GLU B 105 38.28 -3.45 -6.91
CA GLU B 105 38.27 -4.60 -7.79
C GLU B 105 39.26 -4.38 -8.95
N ALA B 106 39.28 -3.15 -9.48
CA ALA B 106 40.13 -2.77 -10.60
C ALA B 106 41.61 -2.80 -10.21
N PHE B 107 41.95 -2.21 -9.06
CA PHE B 107 43.33 -2.11 -8.59
C PHE B 107 43.88 -3.48 -8.16
N PHE B 108 42.99 -4.36 -7.67
CA PHE B 108 43.36 -5.71 -7.27
C PHE B 108 43.78 -6.50 -8.51
N SER B 109 42.93 -6.43 -9.55
CA SER B 109 43.15 -7.15 -10.80
C SER B 109 44.47 -6.74 -11.46
N PHE B 110 44.77 -5.44 -11.43
CA PHE B 110 46.04 -4.89 -11.91
C PHE B 110 47.23 -5.51 -11.21
N CYS B 111 47.14 -5.65 -9.88
CA CYS B 111 48.21 -6.15 -9.03
C CYS B 111 48.41 -7.66 -9.20
N GLU B 112 47.35 -8.40 -9.55
CA GLU B 112 47.42 -9.82 -9.83
C GLU B 112 48.19 -10.07 -11.13
N THR B 113 47.85 -9.28 -12.18
CA THR B 113 48.45 -9.40 -13.50
C THR B 113 49.93 -9.02 -13.46
N ASN B 114 50.25 -7.89 -12.81
CA ASN B 114 51.59 -7.33 -12.78
C ASN B 114 52.45 -7.94 -11.66
N GLY B 115 51.83 -8.72 -10.76
CA GLY B 115 52.55 -9.42 -9.70
C GLY B 115 53.01 -8.49 -8.58
N LEU B 116 52.06 -7.67 -8.07
CA LEU B 116 52.28 -6.72 -6.99
C LEU B 116 51.50 -7.17 -5.75
N GLU B 117 51.93 -6.69 -4.58
CA GLU B 117 51.18 -6.88 -3.34
C GLU B 117 50.09 -5.82 -3.29
N TYR B 118 48.83 -6.25 -3.51
CA TYR B 118 47.67 -5.35 -3.57
C TYR B 118 47.53 -4.48 -2.34
N ILE B 119 47.59 -5.10 -1.15
CA ILE B 119 47.37 -4.39 0.12
C ILE B 119 48.51 -3.41 0.41
N VAL B 120 49.72 -3.72 -0.06
CA VAL B 120 50.88 -2.84 0.07
C VAL B 120 50.79 -1.71 -0.95
N GLY B 121 50.24 -2.01 -2.14
CA GLY B 121 50.02 -1.02 -3.18
C GLY B 121 49.10 0.13 -2.76
N ARG B 122 48.02 -0.20 -2.03
CA ARG B 122 47.07 0.78 -1.51
C ARG B 122 47.74 1.81 -0.58
N VAL B 123 48.77 1.38 0.17
CA VAL B 123 49.48 2.24 1.12
C VAL B 123 50.09 3.44 0.39
N TRP B 124 50.67 3.20 -0.79
CA TRP B 124 51.30 4.24 -1.60
C TRP B 124 50.25 5.16 -2.24
N ILE B 125 49.10 4.60 -2.68
CA ILE B 125 47.99 5.42 -3.11
C ILE B 125 47.61 6.37 -1.95
N GLY B 126 47.55 5.83 -0.73
CA GLY B 126 47.21 6.57 0.47
C GLY B 126 48.18 7.72 0.78
N PHE B 127 49.48 7.51 0.55
CA PHE B 127 50.50 8.53 0.74
C PHE B 127 50.31 9.67 -0.25
N TRP B 128 50.04 9.34 -1.51
CA TRP B 128 49.77 10.32 -2.57
C TRP B 128 48.49 11.11 -2.29
N LEU B 129 47.44 10.44 -1.77
CA LEU B 129 46.18 11.09 -1.41
C LEU B 129 46.41 12.18 -0.36
N ILE B 130 47.26 11.88 0.64
CA ILE B 130 47.61 12.83 1.70
C ILE B 130 48.34 14.03 1.11
N LEU B 131 49.24 13.78 0.14
CA LEU B 131 50.00 14.83 -0.50
C LEU B 131 49.10 15.71 -1.38
N LEU B 132 48.15 15.08 -2.11
CA LEU B 132 47.25 15.80 -2.99
C LEU B 132 46.33 16.73 -2.19
N VAL B 133 45.69 16.22 -1.13
CA VAL B 133 44.70 16.97 -0.36
C VAL B 133 45.34 18.13 0.41
N VAL B 134 46.58 17.95 0.90
CA VAL B 134 47.29 19.01 1.61
C VAL B 134 47.69 20.14 0.65
N LEU B 135 47.93 19.81 -0.63
CA LEU B 135 48.17 20.81 -1.66
C LEU B 135 46.87 21.55 -2.01
N VAL B 136 45.78 20.81 -2.25
CA VAL B 136 44.51 21.37 -2.66
C VAL B 136 43.99 22.33 -1.57
N VAL B 137 44.00 21.88 -0.31
CA VAL B 137 43.51 22.66 0.82
C VAL B 137 44.38 23.88 1.11
N ALA B 138 45.69 23.79 0.81
CA ALA B 138 46.63 24.90 0.95
C ALA B 138 46.30 26.04 0.02
N PHE B 139 46.15 25.73 -1.28
CA PHE B 139 45.88 26.72 -2.34
C PHE B 139 44.37 26.93 -2.56
N GLU B 140 43.54 26.44 -1.63
CA GLU B 140 42.11 26.77 -1.54
C GLU B 140 41.34 26.28 -2.77
N GLY B 141 41.65 25.07 -3.23
CA GLY B 141 41.12 24.56 -4.48
C GLY B 141 39.62 24.22 -4.41
N SER B 142 39.07 24.12 -3.19
CA SER B 142 37.66 23.83 -2.99
C SER B 142 36.74 24.96 -3.48
N PHE B 143 37.32 26.11 -3.85
CA PHE B 143 36.57 27.27 -4.34
C PHE B 143 35.89 26.94 -5.68
N LEU B 144 36.42 25.95 -6.41
CA LEU B 144 35.89 25.53 -7.70
C LEU B 144 34.48 24.94 -7.57
N VAL B 145 34.11 24.50 -6.36
CA VAL B 145 32.80 23.95 -6.06
C VAL B 145 31.69 24.97 -6.37
N ARG B 146 32.00 26.27 -6.39
CA ARG B 146 31.04 27.33 -6.67
C ARG B 146 30.56 27.31 -8.12
N PHE B 147 31.34 26.71 -9.03
CA PHE B 147 30.98 26.57 -10.43
C PHE B 147 30.09 25.35 -10.71
N ILE B 148 29.85 24.51 -9.71
CA ILE B 148 28.88 23.43 -9.77
C ILE B 148 27.50 23.97 -9.37
N SER B 149 26.65 24.25 -10.38
CA SER B 149 25.34 24.87 -10.22
C SER B 149 24.28 23.87 -9.81
N ARG B 150 23.03 24.32 -9.72
CA ARG B 150 21.86 23.46 -9.43
C ARG B 150 21.69 22.40 -10.50
N TYR B 151 21.99 22.80 -11.75
CA TYR B 151 21.85 21.95 -12.93
C TYR B 151 22.57 20.61 -12.75
N THR B 152 23.87 20.68 -12.43
CA THR B 152 24.71 19.52 -12.16
C THR B 152 24.35 18.83 -10.83
N GLN B 153 24.02 19.63 -9.83
CA GLN B 153 23.67 19.11 -8.49
C GLN B 153 22.46 18.19 -8.57
N GLU B 154 21.41 18.60 -9.31
CA GLU B 154 20.15 17.86 -9.36
C GLU B 154 20.24 16.66 -10.30
N ILE B 155 21.03 16.75 -11.38
CA ILE B 155 21.33 15.60 -12.22
C ILE B 155 22.01 14.53 -11.34
N PHE B 156 23.02 14.93 -10.55
CA PHE B 156 23.73 14.05 -9.64
C PHE B 156 22.79 13.43 -8.58
N SER B 157 22.11 14.26 -7.81
CA SER B 157 21.25 13.82 -6.73
C SER B 157 20.12 12.92 -7.22
N PHE B 158 19.63 13.12 -8.43
CA PHE B 158 18.56 12.33 -9.03
C PHE B 158 19.06 10.96 -9.49
N LEU B 159 20.19 10.93 -10.22
CA LEU B 159 20.87 9.71 -10.63
C LEU B 159 21.18 8.80 -9.45
N ILE B 160 21.68 9.36 -8.35
CA ILE B 160 22.10 8.64 -7.15
C ILE B 160 20.89 8.02 -6.45
N SER B 161 19.74 8.70 -6.47
CA SER B 161 18.50 8.19 -5.89
C SER B 161 17.95 7.05 -6.75
N LEU B 162 18.03 7.15 -8.09
CA LEU B 162 17.56 6.11 -8.99
C LEU B 162 18.39 4.84 -8.84
N ILE B 163 19.72 4.97 -8.87
CA ILE B 163 20.64 3.86 -8.66
C ILE B 163 20.35 3.18 -7.33
N PHE B 164 20.12 3.96 -6.27
CA PHE B 164 19.86 3.45 -4.94
C PHE B 164 18.59 2.60 -4.97
N ILE B 165 17.52 3.11 -5.60
CA ILE B 165 16.24 2.40 -5.70
C ILE B 165 16.38 1.16 -6.59
N TYR B 166 17.09 1.28 -7.71
CA TYR B 166 17.36 0.18 -8.62
C TYR B 166 18.06 -1.01 -7.94
N GLU B 167 19.10 -0.75 -7.15
CA GLU B 167 19.91 -1.75 -6.49
C GLU B 167 19.11 -2.48 -5.41
N THR B 168 18.20 -1.78 -4.73
CA THR B 168 17.32 -2.37 -3.71
C THR B 168 16.43 -3.42 -4.34
N PHE B 169 15.82 -3.10 -5.48
CA PHE B 169 14.94 -4.01 -6.22
C PHE B 169 15.71 -5.17 -6.87
N SER B 170 16.97 -4.93 -7.22
CA SER B 170 17.88 -5.94 -7.72
C SER B 170 18.17 -7.01 -6.67
N LYS B 171 18.13 -6.62 -5.38
CA LYS B 171 18.43 -7.51 -4.26
C LYS B 171 17.24 -8.40 -3.96
N LEU B 172 16.01 -7.83 -4.05
CA LEU B 172 14.78 -8.57 -3.93
C LEU B 172 14.72 -9.64 -5.02
N ILE B 173 14.99 -9.25 -6.27
CA ILE B 173 14.92 -10.15 -7.41
C ILE B 173 15.93 -11.29 -7.30
N LYS B 174 17.09 -11.03 -6.68
CA LYS B 174 18.09 -12.07 -6.48
C LYS B 174 17.55 -13.19 -5.58
N ILE B 175 16.72 -12.83 -4.59
CA ILE B 175 16.12 -13.77 -3.66
C ILE B 175 15.22 -14.75 -4.41
N PHE B 176 14.41 -14.20 -5.34
CA PHE B 176 13.52 -14.97 -6.20
C PHE B 176 14.28 -15.92 -7.11
N GLN B 177 15.46 -15.48 -7.57
CA GLN B 177 16.30 -16.27 -8.45
C GLN B 177 16.93 -17.43 -7.66
N ASP B 178 17.35 -17.17 -6.42
CA ASP B 178 17.98 -18.15 -5.55
C ASP B 178 16.96 -19.17 -5.03
N HIS B 179 15.73 -18.69 -4.75
CA HIS B 179 14.64 -19.48 -4.18
C HIS B 179 13.38 -19.32 -5.02
N PRO B 180 13.35 -19.91 -6.25
CA PRO B 180 12.23 -19.78 -7.15
C PRO B 180 10.99 -20.52 -6.67
N LEU B 181 9.82 -20.04 -7.13
CA LEU B 181 8.54 -20.70 -6.84
C LEU B 181 8.46 -21.95 -7.75
N GLN B 182 8.64 -23.12 -7.16
CA GLN B 182 8.59 -24.42 -7.84
C GLN B 182 7.45 -25.26 -7.25
N LYS B 183 7.22 -26.39 -7.93
CA LYS B 183 6.16 -27.31 -7.56
C LYS B 183 6.61 -28.17 -6.38
N THR B 184 7.88 -28.60 -6.48
CA THR B 184 8.55 -29.48 -5.52
C THR B 184 9.92 -28.88 -5.19
N TYR B 185 10.41 -29.13 -3.98
CA TYR B 185 11.76 -28.65 -3.57
C TYR B 185 12.46 -29.78 -2.83
N ASN B 186 13.79 -29.85 -2.89
CA ASN B 186 14.53 -30.85 -2.08
C ASN B 186 14.41 -30.41 -0.63
N TYR B 187 14.17 -31.34 0.30
CA TYR B 187 13.94 -30.92 1.71
C TYR B 187 15.07 -31.40 2.63
N ASN B 188 16.28 -31.51 2.09
CA ASN B 188 17.45 -31.88 2.93
C ASN B 188 18.57 -30.87 2.68
N VAL B 189 18.22 -29.69 2.17
CA VAL B 189 19.24 -28.66 1.81
C VAL B 189 20.01 -28.24 3.06
N LEU B 190 21.33 -28.08 2.95
CA LEU B 190 22.15 -27.64 4.07
C LEU B 190 22.09 -26.10 4.19
N MET B 191 22.36 -25.59 5.40
CA MET B 191 22.21 -24.18 5.74
C MET B 191 23.48 -23.65 6.41
N VAL B 192 24.64 -24.32 6.18
CA VAL B 192 25.85 -24.15 6.97
C VAL B 192 26.50 -22.79 6.66
N PRO B 193 26.91 -22.50 5.40
CA PRO B 193 27.20 -21.12 5.01
C PRO B 193 25.93 -20.33 4.66
N LYS B 194 25.01 -21.00 3.95
CA LYS B 194 23.77 -20.42 3.44
C LYS B 194 22.94 -21.56 2.85
N PRO B 195 21.65 -21.36 2.48
CA PRO B 195 20.91 -22.41 1.80
C PRO B 195 21.60 -22.81 0.49
N GLN B 196 21.83 -24.14 0.33
CA GLN B 196 22.51 -24.70 -0.82
C GLN B 196 21.61 -24.70 -2.04
N GLY B 197 20.42 -25.29 -1.88
CA GLY B 197 19.38 -25.31 -2.89
C GLY B 197 18.22 -24.36 -2.55
N PRO B 198 17.19 -24.28 -3.41
CA PRO B 198 16.00 -23.47 -3.12
C PRO B 198 15.07 -24.06 -2.08
N LEU B 199 14.41 -23.19 -1.31
CA LEU B 199 13.50 -23.62 -0.22
C LEU B 199 12.16 -22.89 -0.40
N PRO B 200 11.04 -23.40 0.16
CA PRO B 200 9.73 -22.79 -0.09
C PRO B 200 9.30 -21.62 0.81
N ASN B 201 8.58 -20.64 0.26
CA ASN B 201 8.00 -19.53 1.07
C ASN B 201 9.05 -18.44 1.38
N THR B 202 10.33 -18.66 1.06
CA THR B 202 11.39 -17.68 1.41
C THR B 202 11.24 -16.42 0.55
N ALA B 203 11.10 -16.57 -0.77
CA ALA B 203 11.02 -15.41 -1.68
C ALA B 203 9.73 -14.61 -1.47
N LEU B 204 8.60 -15.29 -1.24
CA LEU B 204 7.30 -14.59 -1.12
C LEU B 204 7.19 -13.91 0.25
N LEU B 205 7.77 -14.49 1.29
CA LEU B 205 7.79 -13.81 2.63
C LEU B 205 8.70 -12.60 2.52
N SER B 206 9.91 -12.78 1.99
CA SER B 206 10.82 -11.65 1.79
C SER B 206 10.12 -10.45 1.15
N LEU B 207 9.34 -10.69 0.09
CA LEU B 207 8.53 -9.67 -0.58
C LEU B 207 7.51 -9.04 0.37
N VAL B 208 6.82 -9.87 1.15
CA VAL B 208 5.82 -9.42 2.12
C VAL B 208 6.47 -8.57 3.21
N LEU B 209 7.60 -9.05 3.76
CA LEU B 209 8.35 -8.35 4.79
C LEU B 209 8.81 -6.98 4.27
N MET B 210 9.31 -6.92 3.03
CA MET B 210 9.74 -5.70 2.39
C MET B 210 8.56 -4.74 2.19
N ALA B 211 7.49 -5.22 1.51
CA ALA B 211 6.28 -4.46 1.23
C ALA B 211 5.56 -4.00 2.50
N GLY B 212 5.62 -4.83 3.54
CA GLY B 212 5.11 -4.51 4.85
C GLY B 212 5.82 -3.31 5.47
N THR B 213 7.17 -3.34 5.52
CA THR B 213 8.00 -2.33 6.16
C THR B 213 7.85 -0.98 5.47
N PHE B 214 7.84 -1.01 4.12
CA PHE B 214 7.69 0.19 3.32
C PHE B 214 6.35 0.87 3.57
N PHE B 215 5.27 0.08 3.63
CA PHE B 215 3.92 0.55 3.86
C PHE B 215 3.82 1.30 5.20
N PHE B 216 4.22 0.65 6.31
CA PHE B 216 4.16 1.23 7.63
C PHE B 216 4.95 2.54 7.75
N ALA B 217 6.15 2.56 7.14
CA ALA B 217 7.00 3.72 7.08
C ALA B 217 6.29 4.90 6.41
N MET B 218 5.67 4.66 5.24
CA MET B 218 4.97 5.66 4.47
C MET B 218 3.69 6.12 5.19
N MET B 219 3.02 5.21 5.86
CA MET B 219 1.76 5.51 6.54
C MET B 219 2.03 6.37 7.77
N LEU B 220 3.06 6.02 8.56
CA LEU B 220 3.40 6.76 9.76
C LEU B 220 3.92 8.17 9.42
N ARG B 221 4.41 8.38 8.20
CA ARG B 221 4.82 9.75 7.78
C ARG B 221 3.54 10.51 7.45
N LYS B 222 2.59 9.85 6.77
CA LYS B 222 1.31 10.43 6.46
C LYS B 222 0.63 10.85 7.76
N PHE B 223 0.68 9.97 8.76
CA PHE B 223 0.10 10.19 10.08
C PHE B 223 0.71 11.37 10.81
N LYS B 224 2.01 11.57 10.66
CA LYS B 224 2.74 12.66 11.29
C LYS B 224 2.15 14.00 10.89
N ASN B 225 1.76 14.13 9.61
CA ASN B 225 1.24 15.37 9.04
C ASN B 225 -0.29 15.44 9.06
N SER B 226 -0.92 14.50 9.78
CA SER B 226 -2.38 14.38 9.90
C SER B 226 -2.88 15.24 11.04
N SER B 227 -4.20 15.15 11.32
CA SER B 227 -4.88 15.89 12.38
C SER B 227 -5.57 14.94 13.35
N TYR B 228 -4.90 13.81 13.66
CA TYR B 228 -5.39 12.74 14.52
C TYR B 228 -4.48 12.63 15.75
N PHE B 229 -5.06 12.33 16.90
CA PHE B 229 -4.40 12.26 18.19
C PHE B 229 -3.91 13.64 18.64
N PRO B 230 -3.56 13.81 19.93
CA PRO B 230 -2.90 15.03 20.39
C PRO B 230 -1.54 15.22 19.72
N GLY B 231 -1.23 16.47 19.30
CA GLY B 231 -0.04 16.79 18.53
C GLY B 231 1.28 16.25 19.12
N LYS B 232 1.42 16.31 20.45
CA LYS B 232 2.63 15.89 21.13
C LYS B 232 2.83 14.39 20.97
N LEU B 233 1.74 13.62 21.00
CA LEU B 233 1.78 12.18 20.77
C LEU B 233 1.98 11.89 19.28
N ARG B 234 1.28 12.60 18.40
CA ARG B 234 1.34 12.41 16.96
C ARG B 234 2.74 12.72 16.41
N ARG B 235 3.42 13.72 16.98
CA ARG B 235 4.77 14.12 16.59
C ARG B 235 5.79 13.03 16.95
N VAL B 236 5.67 12.45 18.15
CA VAL B 236 6.55 11.43 18.69
C VAL B 236 6.44 10.14 17.89
N ILE B 237 5.23 9.70 17.57
CA ILE B 237 4.98 8.50 16.77
C ILE B 237 5.44 8.72 15.33
N GLY B 238 5.34 9.95 14.85
CA GLY B 238 5.90 10.35 13.55
C GLY B 238 7.43 10.33 13.52
N ASP B 239 8.07 10.84 14.59
CA ASP B 239 9.52 10.84 14.71
C ASP B 239 10.09 9.42 14.66
N PHE B 240 9.51 8.52 15.48
CA PHE B 240 9.93 7.13 15.58
C PHE B 240 9.20 6.23 14.58
N GLY B 241 8.77 6.79 13.45
CA GLY B 241 8.06 6.06 12.41
C GLY B 241 8.83 4.88 11.83
N VAL B 242 10.08 5.13 11.41
CA VAL B 242 10.93 4.09 10.83
C VAL B 242 11.29 3.03 11.87
N PRO B 243 11.84 3.39 13.08
CA PRO B 243 12.05 2.40 14.11
C PRO B 243 10.82 1.59 14.52
N ILE B 244 9.62 2.18 14.45
CA ILE B 244 8.38 1.44 14.70
C ILE B 244 8.11 0.44 13.55
N SER B 245 8.22 0.92 12.30
CA SER B 245 8.04 0.09 11.12
C SER B 245 8.96 -1.13 11.17
N ILE B 246 10.22 -0.96 11.59
CA ILE B 246 11.22 -2.00 11.70
C ILE B 246 10.82 -2.99 12.78
N LEU B 247 10.49 -2.48 13.98
CA LEU B 247 10.13 -3.30 15.13
C LEU B 247 8.91 -4.17 14.84
N ILE B 248 7.87 -3.63 14.18
CA ILE B 248 6.68 -4.37 13.79
C ILE B 248 7.07 -5.58 12.94
N MET B 249 7.74 -5.35 11.80
CA MET B 249 7.99 -6.40 10.81
C MET B 249 9.08 -7.36 11.26
N VAL B 250 9.93 -6.94 12.22
CA VAL B 250 10.92 -7.83 12.84
C VAL B 250 10.22 -8.82 13.76
N LEU B 251 9.16 -8.39 14.43
CA LEU B 251 8.36 -9.26 15.30
C LEU B 251 7.50 -10.20 14.46
N VAL B 252 6.96 -9.73 13.33
CA VAL B 252 6.23 -10.57 12.39
C VAL B 252 7.10 -11.78 11.98
N ASP B 253 8.36 -11.55 11.60
CA ASP B 253 9.29 -12.58 11.19
C ASP B 253 9.66 -13.50 12.35
N PHE B 254 9.69 -12.97 13.57
CA PHE B 254 10.12 -13.69 14.75
C PHE B 254 9.19 -14.85 15.07
N PHE B 255 7.87 -14.58 14.95
CA PHE B 255 6.82 -15.52 15.29
C PHE B 255 6.57 -16.58 14.20
N ILE B 256 6.88 -16.25 12.93
CA ILE B 256 6.89 -17.19 11.83
C ILE B 256 8.10 -18.10 11.98
N GLN B 257 7.87 -19.37 12.36
CA GLN B 257 8.91 -20.25 12.88
C GLN B 257 9.68 -20.96 11.76
N ASP B 258 8.96 -21.76 10.94
CA ASP B 258 9.57 -22.79 10.11
C ASP B 258 10.09 -22.25 8.78
N THR B 259 9.75 -21.00 8.47
CA THR B 259 10.16 -20.37 7.18
C THR B 259 11.52 -19.67 7.33
N TYR B 260 12.44 -19.91 6.41
CA TYR B 260 13.76 -19.30 6.37
C TYR B 260 13.73 -17.91 5.71
N THR B 261 14.38 -16.94 6.34
CA THR B 261 14.68 -15.63 5.77
C THR B 261 16.12 -15.27 6.14
N GLN B 262 16.81 -14.53 5.25
CA GLN B 262 18.18 -14.12 5.46
C GLN B 262 18.24 -13.02 6.52
N LYS B 263 19.22 -13.17 7.46
CA LYS B 263 19.42 -12.23 8.55
C LYS B 263 20.74 -11.49 8.37
N LEU B 264 20.90 -10.34 9.03
CA LEU B 264 22.19 -9.65 9.14
C LEU B 264 23.22 -10.56 9.81
N SER B 265 24.45 -10.58 9.27
CA SER B 265 25.55 -11.39 9.78
C SER B 265 26.80 -10.53 9.91
N VAL B 266 27.26 -10.31 11.17
CA VAL B 266 28.54 -9.65 11.46
C VAL B 266 29.60 -10.71 11.73
N PRO B 267 30.91 -10.37 11.58
CA PRO B 267 32.00 -11.29 11.91
C PRO B 267 32.03 -11.70 13.38
N ASP B 268 32.82 -12.74 13.70
CA ASP B 268 32.81 -13.37 15.02
C ASP B 268 33.43 -12.43 16.05
N GLY B 269 34.65 -11.94 15.75
CA GLY B 269 35.29 -10.94 16.58
C GLY B 269 36.08 -9.92 15.76
N PHE B 270 36.87 -9.09 16.47
CA PHE B 270 37.66 -8.01 15.90
C PHE B 270 39.04 -8.54 15.47
N LYS B 271 39.12 -9.05 14.25
CA LYS B 271 40.33 -9.63 13.70
C LYS B 271 40.28 -9.57 12.17
N VAL B 272 41.43 -9.34 11.54
CA VAL B 272 41.56 -9.20 10.10
C VAL B 272 40.94 -10.41 9.38
N SER B 273 40.37 -10.16 8.19
CA SER B 273 39.58 -11.13 7.46
C SER B 273 40.41 -12.33 6.98
N ASN B 274 41.67 -12.07 6.58
CA ASN B 274 42.63 -13.10 6.21
C ASN B 274 43.91 -12.88 7.04
N SER B 275 44.10 -13.71 8.08
CA SER B 275 45.18 -13.57 9.05
C SER B 275 46.53 -13.96 8.46
N SER B 276 46.53 -14.89 7.49
CA SER B 276 47.75 -15.35 6.83
C SER B 276 48.32 -14.28 5.88
N ALA B 277 47.44 -13.64 5.10
CA ALA B 277 47.81 -12.66 4.09
C ALA B 277 48.47 -11.41 4.71
N ARG B 278 47.93 -10.93 5.84
CA ARG B 278 48.31 -9.65 6.41
C ARG B 278 48.13 -9.64 7.92
N GLY B 279 48.74 -8.63 8.58
CA GLY B 279 48.44 -8.28 9.97
C GLY B 279 47.62 -7.00 10.04
N TRP B 280 47.71 -6.27 11.16
CA TRP B 280 46.97 -5.03 11.37
C TRP B 280 47.65 -3.85 10.66
N VAL B 281 48.97 -3.73 10.83
CA VAL B 281 49.79 -2.68 10.22
C VAL B 281 50.49 -3.24 8.98
N ILE B 282 50.31 -2.57 7.81
CA ILE B 282 50.89 -3.00 6.55
C ILE B 282 52.21 -2.27 6.33
N HIS B 283 53.27 -3.03 6.01
CA HIS B 283 54.63 -2.49 5.80
CA HIS B 283 54.61 -2.46 5.81
C HIS B 283 54.68 -1.84 4.42
N PRO B 284 55.07 -0.54 4.30
CA PRO B 284 55.22 0.08 2.99
C PRO B 284 56.15 -0.64 2.02
N LEU B 285 57.34 -1.05 2.51
CA LEU B 285 58.37 -1.61 1.64
C LEU B 285 58.03 -3.03 1.18
N GLY B 286 57.11 -3.71 1.87
CA GLY B 286 56.55 -4.98 1.42
C GLY B 286 56.35 -5.96 2.57
N LEU B 287 55.47 -6.95 2.36
CA LEU B 287 55.15 -7.96 3.37
C LEU B 287 56.08 -9.16 3.19
N ARG B 288 56.04 -9.80 2.00
CA ARG B 288 56.89 -10.93 1.65
C ARG B 288 57.99 -10.52 0.66
N SER B 289 57.57 -10.01 -0.51
CA SER B 289 58.47 -9.56 -1.57
C SER B 289 58.74 -8.07 -1.42
N GLU B 290 59.86 -7.59 -2.01
CA GLU B 290 60.21 -6.18 -1.99
C GLU B 290 59.32 -5.42 -2.97
N PHE B 291 58.68 -4.35 -2.49
CA PHE B 291 57.77 -3.54 -3.28
C PHE B 291 58.58 -2.67 -4.25
N PRO B 292 58.26 -2.67 -5.57
CA PRO B 292 59.11 -2.02 -6.56
C PRO B 292 59.00 -0.50 -6.59
N ILE B 293 60.10 0.18 -6.93
CA ILE B 293 60.24 1.63 -6.82
C ILE B 293 59.39 2.34 -7.87
N TRP B 294 59.22 1.73 -9.06
CA TRP B 294 58.43 2.32 -10.14
C TRP B 294 56.98 2.52 -9.70
N MET B 295 56.44 1.55 -8.95
CA MET B 295 55.06 1.56 -8.49
C MET B 295 54.86 2.57 -7.34
N MET B 296 55.94 2.87 -6.59
CA MET B 296 55.89 3.89 -5.56
C MET B 296 55.66 5.29 -6.16
N PHE B 297 56.09 5.48 -7.43
CA PHE B 297 55.90 6.73 -8.16
C PHE B 297 54.64 6.67 -9.03
N ALA B 298 54.38 5.49 -9.64
CA ALA B 298 53.26 5.28 -10.53
C ALA B 298 51.93 5.36 -9.80
N SER B 299 51.93 5.11 -8.47
CA SER B 299 50.76 5.13 -7.61
C SER B 299 50.08 6.52 -7.57
N ALA B 300 50.80 7.56 -8.01
CA ALA B 300 50.28 8.91 -8.16
C ALA B 300 49.08 8.96 -9.11
N LEU B 301 49.07 8.08 -10.13
CA LEU B 301 48.01 8.07 -11.15
C LEU B 301 46.70 7.55 -10.57
N PRO B 302 46.65 6.31 -9.98
CA PRO B 302 45.47 5.87 -9.23
C PRO B 302 45.00 6.83 -8.13
N ALA B 303 45.94 7.54 -7.48
CA ALA B 303 45.66 8.48 -6.40
C ALA B 303 44.80 9.64 -6.88
N LEU B 304 45.03 10.11 -8.10
CA LEU B 304 44.26 11.19 -8.72
C LEU B 304 42.83 10.74 -8.99
N LEU B 305 42.65 9.50 -9.45
CA LEU B 305 41.32 8.96 -9.72
C LEU B 305 40.53 8.82 -8.41
N VAL B 306 41.16 8.26 -7.37
CA VAL B 306 40.53 8.08 -6.06
C VAL B 306 40.19 9.45 -5.46
N PHE B 307 41.09 10.43 -5.60
CA PHE B 307 40.88 11.77 -5.10
C PHE B 307 39.61 12.38 -5.70
N ILE B 308 39.52 12.38 -7.03
CA ILE B 308 38.39 12.90 -7.81
C ILE B 308 37.09 12.21 -7.42
N LEU B 309 37.14 10.88 -7.27
CA LEU B 309 36.00 10.08 -6.87
C LEU B 309 35.48 10.57 -5.53
N ILE B 310 36.36 10.72 -4.54
CA ILE B 310 36.00 11.11 -3.17
C ILE B 310 35.57 12.58 -3.14
N PHE B 311 36.33 13.45 -3.80
CA PHE B 311 36.09 14.89 -3.85
C PHE B 311 34.71 15.22 -4.40
N LEU B 312 34.38 14.72 -5.60
CA LEU B 312 33.16 15.10 -6.30
C LEU B 312 31.92 14.67 -5.51
N GLU B 313 31.87 13.41 -5.06
CA GLU B 313 30.69 12.92 -4.37
C GLU B 313 30.54 13.58 -3.00
N SER B 314 31.67 13.90 -2.34
CA SER B 314 31.69 14.49 -1.01
C SER B 314 31.35 15.98 -1.03
N GLN B 315 31.86 16.72 -2.01
CA GLN B 315 31.65 18.17 -2.09
C GLN B 315 30.27 18.47 -2.65
N ILE B 316 29.76 17.67 -3.60
CA ILE B 316 28.40 17.80 -4.11
C ILE B 316 27.36 17.42 -3.04
N THR B 317 27.66 16.37 -2.25
CA THR B 317 26.83 16.00 -1.13
C THR B 317 26.66 17.17 -0.16
N THR B 318 27.78 17.85 0.13
CA THR B 318 27.81 19.04 0.99
C THR B 318 26.96 20.19 0.46
N LEU B 319 27.02 20.44 -0.87
CA LEU B 319 26.20 21.45 -1.53
C LEU B 319 24.71 21.17 -1.33
N ILE B 320 24.30 19.91 -1.61
CA ILE B 320 22.92 19.48 -1.53
C ILE B 320 22.40 19.65 -0.10
N VAL B 321 23.19 19.21 0.90
CA VAL B 321 22.79 19.22 2.31
C VAL B 321 22.75 20.65 2.84
N SER B 322 23.73 21.47 2.47
CA SER B 322 23.90 22.81 3.00
C SER B 322 23.28 23.87 2.08
N LYS B 323 22.10 23.56 1.52
CA LYS B 323 21.35 24.46 0.64
C LYS B 323 20.64 25.51 1.50
N PRO B 324 20.40 26.74 1.00
CA PRO B 324 19.60 27.73 1.72
C PRO B 324 18.18 27.26 2.05
N GLU B 325 17.55 26.52 1.12
CA GLU B 325 16.18 26.04 1.28
C GLU B 325 16.01 25.26 2.58
N ARG B 326 16.96 24.36 2.89
CA ARG B 326 16.98 23.61 4.14
C ARG B 326 17.56 24.51 5.25
N LYS B 327 16.85 24.72 6.33
CA LYS B 327 17.16 25.79 7.28
C LYS B 327 18.35 25.39 8.15
N MET B 328 19.57 25.50 7.57
CA MET B 328 20.81 25.19 8.26
C MET B 328 21.63 26.46 8.46
N VAL B 329 21.78 26.89 9.71
CA VAL B 329 22.31 28.19 10.08
C VAL B 329 23.77 28.08 10.56
N LYS B 330 24.15 26.94 11.15
CA LYS B 330 25.43 26.76 11.83
C LYS B 330 26.61 27.03 10.86
N GLY B 331 26.49 26.56 9.62
CA GLY B 331 27.46 26.84 8.57
C GLY B 331 28.24 25.59 8.17
N SER B 332 28.45 25.42 6.86
CA SER B 332 29.20 24.29 6.30
C SER B 332 30.64 24.74 6.00
N GLY B 333 31.56 23.77 6.01
CA GLY B 333 32.95 23.97 5.67
C GLY B 333 33.44 22.95 4.65
N PHE B 334 33.77 23.42 3.43
CA PHE B 334 34.21 22.57 2.34
C PHE B 334 35.71 22.23 2.45
N HIS B 335 36.50 23.16 3.01
CA HIS B 335 37.94 23.03 3.11
C HIS B 335 38.34 22.03 4.20
N LEU B 336 37.63 22.08 5.34
CA LEU B 336 37.93 21.24 6.50
C LEU B 336 37.47 19.82 6.25
N ASP B 337 36.25 19.66 5.71
CA ASP B 337 35.66 18.33 5.49
C ASP B 337 36.48 17.53 4.47
N LEU B 338 36.95 18.20 3.40
CA LEU B 338 37.79 17.57 2.38
C LEU B 338 39.06 17.00 2.99
N LEU B 339 39.72 17.80 3.84
CA LEU B 339 40.97 17.41 4.48
C LEU B 339 40.79 16.18 5.37
N LEU B 340 39.73 16.16 6.20
CA LEU B 340 39.46 15.04 7.10
C LEU B 340 39.17 13.74 6.34
N VAL B 341 38.18 13.78 5.43
CA VAL B 341 37.74 12.62 4.67
C VAL B 341 38.92 11.97 3.92
N VAL B 342 39.65 12.77 3.14
CA VAL B 342 40.73 12.29 2.28
C VAL B 342 42.00 12.04 3.09
N GLY B 343 42.25 12.88 4.10
CA GLY B 343 43.36 12.67 5.04
C GLY B 343 43.26 11.35 5.81
N MET B 344 42.11 11.14 6.46
CA MET B 344 41.82 9.92 7.20
C MET B 344 41.89 8.69 6.27
N GLY B 345 41.42 8.83 5.04
CA GLY B 345 41.44 7.77 4.06
C GLY B 345 42.85 7.34 3.68
N GLY B 346 43.75 8.32 3.53
CA GLY B 346 45.14 8.05 3.24
C GLY B 346 45.85 7.29 4.37
N VAL B 347 45.51 7.62 5.62
CA VAL B 347 46.08 6.97 6.80
C VAL B 347 45.48 5.58 6.99
N ALA B 348 44.19 5.43 6.71
CA ALA B 348 43.49 4.16 6.82
C ALA B 348 44.20 3.07 6.03
N ALA B 349 44.70 3.42 4.84
CA ALA B 349 45.40 2.53 3.94
C ALA B 349 46.56 1.83 4.65
N LEU B 350 47.26 2.56 5.52
CA LEU B 350 48.44 2.07 6.24
C LEU B 350 48.10 0.95 7.22
N PHE B 351 46.84 0.88 7.65
CA PHE B 351 46.30 -0.21 8.48
C PHE B 351 45.42 -1.15 7.68
N GLY B 352 45.60 -1.17 6.35
CA GLY B 352 44.91 -2.05 5.46
C GLY B 352 43.39 -1.92 5.53
N MET B 353 42.89 -0.69 5.74
CA MET B 353 41.46 -0.44 5.84
C MET B 353 41.03 0.55 4.77
N PRO B 354 39.78 0.49 4.30
CA PRO B 354 39.32 1.31 3.18
C PRO B 354 39.24 2.80 3.47
N TRP B 355 39.67 3.62 2.49
CA TRP B 355 39.31 5.04 2.46
C TRP B 355 37.82 5.13 2.14
N LEU B 356 37.12 6.09 2.77
CA LEU B 356 35.67 6.24 2.69
C LEU B 356 35.33 7.58 2.02
N SER B 357 34.05 7.96 2.00
CA SER B 357 33.57 9.20 1.37
C SER B 357 32.20 9.60 1.94
N ALA B 358 31.91 10.91 1.94
CA ALA B 358 30.59 11.42 2.30
C ALA B 358 29.59 11.01 1.24
N THR B 359 28.72 10.07 1.58
CA THR B 359 27.75 9.44 0.67
C THR B 359 26.44 10.19 0.72
N THR B 360 25.80 10.35 -0.47
CA THR B 360 24.69 11.28 -0.69
C THR B 360 23.38 10.82 -0.03
N VAL B 361 22.94 9.57 -0.33
CA VAL B 361 21.60 9.14 0.10
C VAL B 361 21.54 9.08 1.64
N ARG B 362 22.59 8.55 2.29
CA ARG B 362 22.65 8.45 3.74
C ARG B 362 22.73 9.83 4.41
N SER B 363 23.60 10.71 3.90
CA SER B 363 23.79 12.06 4.42
C SER B 363 22.49 12.84 4.31
N VAL B 364 21.80 12.71 3.18
CA VAL B 364 20.54 13.41 2.93
C VAL B 364 19.43 12.85 3.82
N THR B 365 19.42 11.53 4.03
CA THR B 365 18.50 10.86 4.92
C THR B 365 18.70 11.37 6.33
N HIS B 366 19.99 11.48 6.76
CA HIS B 366 20.35 11.92 8.10
C HIS B 366 19.90 13.35 8.34
N ALA B 367 20.06 14.23 7.34
CA ALA B 367 19.71 15.64 7.43
C ALA B 367 18.19 15.80 7.49
N ASN B 368 17.46 15.06 6.64
CA ASN B 368 16.01 15.07 6.61
C ASN B 368 15.40 14.57 7.94
N ALA B 369 15.99 13.56 8.55
CA ALA B 369 15.56 12.99 9.81
C ALA B 369 15.62 14.02 10.95
N LEU B 370 16.54 14.97 10.88
CA LEU B 370 16.76 15.96 11.93
C LEU B 370 16.01 17.26 11.64
N THR B 371 15.34 17.34 10.49
CA THR B 371 14.51 18.46 10.09
C THR B 371 13.15 18.40 10.75
N VAL B 372 12.73 19.50 11.40
CA VAL B 372 11.39 19.68 11.99
C VAL B 372 10.52 20.45 11.02
N MET B 373 9.21 20.11 10.95
CA MET B 373 8.28 20.66 9.98
C MET B 373 7.28 21.58 10.69
N GLY B 374 7.24 22.85 10.27
CA GLY B 374 6.31 23.84 10.79
C GLY B 374 5.03 23.92 9.94
N LYS B 375 3.91 24.24 10.59
CA LYS B 375 2.57 24.24 10.01
C LYS B 375 2.20 22.84 9.51
N ALA B 383 3.24 22.61 4.10
CA ALA B 383 4.31 22.28 5.08
C ALA B 383 5.61 22.99 4.70
N GLN B 384 6.24 23.66 5.69
CA GLN B 384 7.48 24.41 5.53
C GLN B 384 8.53 23.89 6.52
N ILE B 385 9.81 24.11 6.21
CA ILE B 385 10.93 23.78 7.10
C ILE B 385 11.14 24.91 8.11
N GLN B 386 10.99 24.60 9.40
CA GLN B 386 11.23 25.54 10.49
C GLN B 386 12.72 25.64 10.80
N GLU B 387 13.35 24.51 11.13
CA GLU B 387 14.75 24.42 11.47
C GLU B 387 15.25 22.98 11.29
N VAL B 388 16.58 22.81 11.42
CA VAL B 388 17.24 21.51 11.48
C VAL B 388 17.98 21.39 12.81
N LYS B 389 17.97 20.18 13.40
CA LYS B 389 18.74 19.90 14.60
C LYS B 389 20.17 19.54 14.24
N GLU B 390 21.00 20.57 14.01
CA GLU B 390 22.41 20.44 13.68
C GLU B 390 23.18 20.23 14.98
N GLN B 391 23.74 19.03 15.14
CA GLN B 391 24.50 18.63 16.30
C GLN B 391 25.48 17.53 15.87
N ARG B 392 26.42 17.18 16.78
CA ARG B 392 27.48 16.21 16.53
C ARG B 392 27.20 14.85 17.16
N ILE B 393 26.09 14.70 17.91
CA ILE B 393 25.83 13.52 18.73
C ILE B 393 25.24 12.37 17.89
N SER B 394 24.28 12.70 17.00
CA SER B 394 23.72 11.74 16.06
C SER B 394 24.85 10.99 15.32
N GLY B 395 25.69 11.77 14.62
CA GLY B 395 26.76 11.21 13.84
C GLY B 395 27.80 10.42 14.63
N LEU B 396 28.08 10.87 15.86
CA LEU B 396 28.95 10.17 16.78
C LEU B 396 28.38 8.82 17.23
N LEU B 397 27.11 8.80 17.66
CA LEU B 397 26.45 7.60 18.17
C LEU B 397 26.32 6.54 17.07
N VAL B 398 26.02 6.93 15.82
CA VAL B 398 25.93 5.99 14.72
C VAL B 398 27.29 5.36 14.45
N ALA B 399 28.36 6.15 14.49
CA ALA B 399 29.72 5.68 14.26
C ALA B 399 30.15 4.70 15.34
N VAL B 400 29.72 4.95 16.60
CA VAL B 400 30.07 4.09 17.72
C VAL B 400 29.31 2.77 17.62
N LEU B 401 28.02 2.82 17.26
CA LEU B 401 27.17 1.65 17.14
C LEU B 401 27.68 0.70 16.04
N VAL B 402 28.06 1.25 14.89
CA VAL B 402 28.63 0.49 13.79
C VAL B 402 29.89 -0.24 14.24
N GLY B 403 30.72 0.41 15.05
CA GLY B 403 31.91 -0.20 15.64
C GLY B 403 31.60 -1.37 16.58
N LEU B 404 30.57 -1.21 17.41
CA LEU B 404 30.14 -2.20 18.40
C LEU B 404 29.28 -3.32 17.80
N SER B 405 28.77 -3.13 16.58
CA SER B 405 27.88 -4.08 15.90
C SER B 405 28.33 -5.54 16.03
N ILE B 406 29.64 -5.80 16.01
CA ILE B 406 30.21 -7.14 16.21
C ILE B 406 29.84 -7.71 17.58
N LEU B 407 29.83 -6.86 18.61
CA LEU B 407 29.51 -7.29 19.97
C LEU B 407 28.02 -7.58 20.12
N MET B 408 27.18 -6.84 19.37
CA MET B 408 25.73 -6.94 19.47
C MET B 408 25.16 -7.76 18.33
N GLU B 409 25.74 -8.95 18.10
CA GLU B 409 25.29 -9.92 17.12
C GLU B 409 23.97 -10.56 17.52
N PRO B 410 23.74 -10.93 18.81
CA PRO B 410 22.44 -11.44 19.28
C PRO B 410 21.19 -10.67 18.89
N ILE B 411 21.28 -9.35 18.78
CA ILE B 411 20.17 -8.50 18.37
C ILE B 411 20.05 -8.53 16.85
N LEU B 412 21.19 -8.39 16.14
CA LEU B 412 21.25 -8.23 14.70
C LEU B 412 20.86 -9.53 14.00
N SER B 413 21.16 -10.68 14.62
CA SER B 413 20.88 -11.98 14.03
C SER B 413 19.37 -12.29 13.94
N ARG B 414 18.53 -11.38 14.44
CA ARG B 414 17.05 -11.58 14.41
C ARG B 414 16.42 -10.57 13.44
N ILE B 415 17.22 -9.70 12.84
CA ILE B 415 16.74 -8.71 11.89
C ILE B 415 16.85 -9.25 10.47
N PRO B 416 15.73 -9.46 9.73
CA PRO B 416 15.80 -9.83 8.33
C PRO B 416 16.30 -8.68 7.44
N LEU B 417 16.99 -9.02 6.33
CA LEU B 417 17.39 -8.03 5.36
C LEU B 417 16.17 -7.51 4.62
N ALA B 418 15.26 -8.42 4.26
CA ALA B 418 14.03 -8.10 3.54
C ALA B 418 13.34 -6.90 4.20
N VAL B 419 13.37 -6.82 5.53
CA VAL B 419 12.78 -5.70 6.28
C VAL B 419 13.51 -4.42 5.93
N LEU B 420 14.86 -4.46 5.93
CA LEU B 420 15.71 -3.31 5.66
C LEU B 420 15.59 -2.83 4.20
N PHE B 421 15.33 -3.72 3.24
CA PHE B 421 15.03 -3.36 1.86
C PHE B 421 13.84 -2.42 1.77
N GLY B 422 12.81 -2.65 2.60
CA GLY B 422 11.70 -1.73 2.73
C GLY B 422 12.07 -0.31 3.20
N ILE B 423 13.04 -0.23 4.12
CA ILE B 423 13.53 1.04 4.65
C ILE B 423 14.42 1.75 3.61
N PHE B 424 15.13 0.97 2.76
CA PHE B 424 15.91 1.53 1.67
C PHE B 424 15.00 2.10 0.58
N LEU B 425 13.91 1.39 0.27
CA LEU B 425 12.92 1.89 -0.66
C LEU B 425 12.35 3.21 -0.18
N TYR B 426 12.07 3.30 1.12
CA TYR B 426 11.59 4.51 1.77
C TYR B 426 12.60 5.65 1.66
N MET B 427 13.89 5.35 1.90
CA MET B 427 14.98 6.33 1.84
C MET B 427 15.13 6.90 0.43
N GLY B 428 15.14 6.02 -0.59
CA GLY B 428 15.26 6.38 -1.98
C GLY B 428 14.15 7.29 -2.46
N VAL B 429 12.92 6.97 -2.09
CA VAL B 429 11.73 7.72 -2.49
C VAL B 429 11.74 9.11 -1.83
N THR B 430 12.05 9.12 -0.52
CA THR B 430 12.04 10.33 0.29
C THR B 430 13.15 11.28 -0.14
N SER B 431 14.21 10.78 -0.74
CA SER B 431 15.34 11.58 -1.17
C SER B 431 15.02 12.41 -2.42
N LEU B 432 14.04 11.97 -3.22
CA LEU B 432 13.52 12.73 -4.37
C LEU B 432 12.46 13.73 -3.92
N SER B 433 12.87 14.83 -3.28
CA SER B 433 11.95 15.74 -2.60
C SER B 433 12.16 17.20 -3.02
N GLY B 434 13.26 17.79 -2.63
CA GLY B 434 13.48 19.18 -2.98
C GLY B 434 14.17 19.38 -4.32
N ILE B 435 14.41 18.27 -5.07
CA ILE B 435 15.06 18.31 -6.37
C ILE B 435 14.07 18.88 -7.38
N GLN B 436 14.37 20.04 -7.97
CA GLN B 436 13.51 20.71 -8.95
C GLN B 436 13.40 19.93 -10.26
N LEU B 437 14.39 19.13 -10.59
CA LEU B 437 14.34 18.24 -11.77
C LEU B 437 13.17 17.29 -11.67
N PHE B 438 12.98 16.65 -10.51
CA PHE B 438 11.91 15.69 -10.26
C PHE B 438 10.56 16.38 -10.36
N ASP B 439 10.46 17.60 -9.83
CA ASP B 439 9.26 18.42 -9.86
C ASP B 439 8.84 18.70 -11.30
N ARG B 440 9.81 19.09 -12.13
CA ARG B 440 9.52 19.43 -13.55
C ARG B 440 9.24 18.15 -14.35
N ILE B 441 9.88 17.03 -13.99
CA ILE B 441 9.58 15.76 -14.66
C ILE B 441 8.11 15.39 -14.42
N LEU B 442 7.55 15.73 -13.26
CA LEU B 442 6.15 15.44 -12.95
C LEU B 442 5.21 16.34 -13.75
N LEU B 443 5.62 17.57 -14.10
CA LEU B 443 4.82 18.50 -14.85
C LEU B 443 4.71 18.12 -16.35
N LEU B 444 5.53 17.18 -16.83
CA LEU B 444 5.37 16.62 -18.15
C LEU B 444 3.98 15.96 -18.29
N PHE B 445 3.44 15.43 -17.19
CA PHE B 445 2.23 14.61 -17.15
C PHE B 445 1.00 15.40 -16.69
N LYS B 446 1.17 16.44 -15.88
CA LYS B 446 0.09 17.37 -15.56
C LYS B 446 -0.18 18.28 -16.75
N PRO B 447 -1.48 18.61 -17.05
CA PRO B 447 -1.80 19.67 -17.99
C PRO B 447 -1.36 21.03 -17.49
N PRO B 448 -1.11 22.02 -18.37
CA PRO B 448 -0.49 23.28 -17.96
C PRO B 448 -1.39 24.20 -17.14
N LYS B 449 -2.68 23.88 -17.06
CA LYS B 449 -3.64 24.57 -16.20
C LYS B 449 -3.34 24.30 -14.71
N TYR B 450 -2.99 23.04 -14.38
CA TYR B 450 -2.74 22.58 -13.02
C TYR B 450 -1.23 22.51 -12.81
N HIS B 451 -0.53 23.63 -13.10
CA HIS B 451 0.90 23.81 -12.86
C HIS B 451 1.06 24.86 -11.77
N PRO B 452 2.10 24.72 -10.90
CA PRO B 452 2.24 25.60 -9.74
C PRO B 452 2.66 27.02 -10.14
N ASP B 453 2.66 27.94 -9.16
CA ASP B 453 2.95 29.36 -9.36
C ASP B 453 4.42 29.67 -9.03
N VAL B 454 5.32 28.67 -9.19
CA VAL B 454 6.74 28.85 -9.06
C VAL B 454 7.25 29.71 -10.22
N PRO B 455 8.33 30.52 -10.04
CA PRO B 455 8.78 31.44 -11.09
C PRO B 455 9.08 30.86 -12.46
N TYR B 456 9.58 29.63 -12.53
CA TYR B 456 9.98 29.01 -13.80
C TYR B 456 8.78 28.53 -14.61
N VAL B 457 7.57 28.58 -14.01
CA VAL B 457 6.31 28.24 -14.70
C VAL B 457 5.70 29.50 -15.30
N LYS B 458 5.70 30.61 -14.53
CA LYS B 458 5.12 31.88 -14.96
C LYS B 458 5.96 32.54 -16.06
N ARG B 459 7.30 32.58 -15.87
CA ARG B 459 8.20 33.44 -16.63
C ARG B 459 8.80 32.70 -17.85
N VAL B 460 8.57 31.38 -17.95
CA VAL B 460 9.07 30.54 -19.04
C VAL B 460 7.88 29.86 -19.72
N LYS B 461 7.89 29.78 -21.06
CA LYS B 461 6.85 29.14 -21.84
C LYS B 461 6.92 27.61 -21.63
N THR B 462 5.77 26.95 -21.52
CA THR B 462 5.66 25.58 -21.04
C THR B 462 6.52 24.60 -21.84
N TRP B 463 6.61 24.80 -23.16
CA TRP B 463 7.35 23.87 -24.01
C TRP B 463 8.86 24.04 -23.88
N ARG B 464 9.31 25.29 -23.66
CA ARG B 464 10.71 25.59 -23.39
C ARG B 464 11.14 25.03 -22.05
N MET B 465 10.30 25.18 -21.00
CA MET B 465 10.50 24.51 -19.72
C MET B 465 10.67 23.00 -19.93
N HIS B 466 9.83 22.42 -20.80
CA HIS B 466 9.85 20.99 -21.09
C HIS B 466 11.10 20.61 -21.87
N LEU B 467 11.55 21.45 -22.78
CA LEU B 467 12.76 21.23 -23.56
C LEU B 467 13.95 21.17 -22.61
N PHE B 468 13.99 22.09 -21.64
CA PHE B 468 15.03 22.12 -20.63
C PHE B 468 15.05 20.83 -19.78
N THR B 469 13.88 20.37 -19.33
CA THR B 469 13.73 19.10 -18.62
C THR B 469 14.21 17.90 -19.47
N GLY B 470 13.84 17.88 -20.74
CA GLY B 470 14.22 16.83 -21.64
C GLY B 470 15.73 16.69 -21.83
N ILE B 471 16.43 17.82 -21.92
CA ILE B 471 17.88 17.82 -22.07
C ILE B 471 18.56 17.22 -20.83
N GLN B 472 18.00 17.50 -19.64
CA GLN B 472 18.49 16.89 -18.40
C GLN B 472 18.20 15.37 -18.36
N ILE B 473 17.05 14.94 -18.89
CA ILE B 473 16.70 13.53 -19.00
C ILE B 473 17.66 12.81 -19.94
N ILE B 474 18.12 13.47 -21.01
CA ILE B 474 19.10 12.90 -21.93
C ILE B 474 20.47 12.74 -21.25
N CYS B 475 20.83 13.69 -20.37
CA CYS B 475 22.04 13.57 -19.56
C CYS B 475 21.98 12.34 -18.66
N LEU B 476 20.86 12.16 -17.94
CA LEU B 476 20.65 11.01 -17.06
C LEU B 476 20.78 9.68 -17.82
N ALA B 477 20.23 9.61 -19.03
CA ALA B 477 20.29 8.44 -19.90
C ALA B 477 21.74 8.11 -20.27
N VAL B 478 22.46 9.11 -20.76
CA VAL B 478 23.86 8.95 -21.12
C VAL B 478 24.70 8.51 -19.93
N LEU B 479 24.41 9.04 -18.74
CA LEU B 479 25.11 8.66 -17.51
C LEU B 479 24.81 7.21 -17.12
N TRP B 480 23.53 6.80 -17.25
CA TRP B 480 23.13 5.43 -16.92
C TRP B 480 23.76 4.40 -17.86
N VAL B 481 23.98 4.77 -19.14
CA VAL B 481 24.60 3.89 -20.11
C VAL B 481 26.09 3.71 -19.80
N VAL B 482 26.78 4.79 -19.43
CA VAL B 482 28.18 4.72 -19.04
C VAL B 482 28.32 3.89 -17.77
N LYS B 483 27.34 4.03 -16.85
CA LYS B 483 27.27 3.21 -15.66
C LYS B 483 27.30 1.72 -16.03
N SER B 484 26.43 1.32 -16.99
CA SER B 484 26.25 -0.06 -17.41
C SER B 484 27.48 -0.68 -18.08
N THR B 485 28.20 0.12 -18.90
CA THR B 485 29.38 -0.33 -19.62
C THR B 485 30.54 -0.61 -18.66
N PRO B 486 31.61 -1.33 -19.08
CA PRO B 486 32.79 -1.55 -18.24
C PRO B 486 33.46 -0.30 -17.68
N ALA B 487 33.47 0.80 -18.46
CA ALA B 487 34.11 2.04 -18.04
C ALA B 487 33.16 2.87 -17.16
N SER B 488 32.93 2.38 -15.92
CA SER B 488 32.01 2.97 -14.95
C SER B 488 32.71 3.96 -14.02
N LEU B 489 34.06 3.91 -13.97
CA LEU B 489 34.85 4.83 -13.17
C LEU B 489 34.91 6.21 -13.83
N ALA B 490 34.42 6.32 -15.08
CA ALA B 490 34.36 7.57 -15.82
C ALA B 490 33.18 8.45 -15.39
N LEU B 491 32.18 7.87 -14.69
CA LEU B 491 30.94 8.55 -14.34
C LEU B 491 31.18 9.92 -13.73
N PRO B 492 32.09 10.08 -12.74
CA PRO B 492 32.44 11.39 -12.20
C PRO B 492 32.89 12.41 -13.25
N PHE B 493 33.65 11.95 -14.26
CA PHE B 493 34.18 12.79 -15.32
C PHE B 493 33.12 13.15 -16.36
N VAL B 494 32.02 12.36 -16.44
CA VAL B 494 30.89 12.67 -17.30
C VAL B 494 29.95 13.65 -16.58
N LEU B 495 29.77 13.51 -15.26
CA LEU B 495 29.08 14.53 -14.47
C LEU B 495 29.75 15.88 -14.68
N ILE B 496 31.09 15.93 -14.64
CA ILE B 496 31.85 17.17 -14.79
C ILE B 496 31.43 17.88 -16.08
N LEU B 497 31.22 17.13 -17.18
CA LEU B 497 30.90 17.69 -18.49
C LEU B 497 29.54 18.40 -18.52
N THR B 498 28.68 18.11 -17.54
CA THR B 498 27.41 18.81 -17.32
C THR B 498 27.62 20.29 -17.00
N VAL B 499 28.82 20.67 -16.53
CA VAL B 499 29.17 22.04 -16.19
C VAL B 499 29.45 22.85 -17.46
N PRO B 500 30.32 22.39 -18.40
CA PRO B 500 30.36 22.93 -19.76
C PRO B 500 29.00 23.06 -20.46
N LEU B 501 28.17 22.00 -20.42
CA LEU B 501 26.88 21.99 -21.09
C LEU B 501 26.08 23.22 -20.67
N ARG B 502 26.00 23.45 -19.35
CA ARG B 502 25.23 24.54 -18.76
C ARG B 502 25.81 25.90 -19.09
N ARG B 503 27.15 26.00 -19.20
CA ARG B 503 27.86 27.27 -19.22
C ARG B 503 28.10 27.78 -20.64
N VAL B 504 28.32 26.88 -21.63
CA VAL B 504 28.62 27.27 -23.00
C VAL B 504 27.54 26.88 -24.01
N LEU B 505 26.95 25.68 -23.90
CA LEU B 505 26.02 25.15 -24.89
C LEU B 505 24.59 25.69 -24.68
N LEU B 506 24.06 25.55 -23.47
CA LEU B 506 22.67 25.88 -23.17
C LEU B 506 22.37 27.35 -23.47
N PRO B 507 23.24 28.33 -23.15
CA PRO B 507 22.97 29.73 -23.53
C PRO B 507 22.86 30.06 -25.02
N LEU B 508 23.21 29.11 -25.90
CA LEU B 508 22.93 29.23 -27.33
C LEU B 508 21.43 29.01 -27.58
N ILE B 509 20.88 27.97 -26.96
CA ILE B 509 19.48 27.56 -27.08
C ILE B 509 18.59 28.50 -26.28
N PHE B 510 18.74 28.52 -24.96
CA PHE B 510 17.93 29.28 -24.02
C PHE B 510 18.50 30.70 -23.83
N ARG B 511 17.60 31.67 -23.65
CA ARG B 511 17.97 33.05 -23.40
C ARG B 511 18.31 33.17 -21.92
N ASN B 512 18.97 34.29 -21.55
CA ASN B 512 19.53 34.49 -20.22
C ASN B 512 18.42 34.45 -19.16
N VAL B 513 17.27 35.07 -19.47
CA VAL B 513 16.17 35.23 -18.52
C VAL B 513 15.59 33.87 -18.12
N GLU B 514 15.59 32.91 -19.06
CA GLU B 514 15.06 31.57 -18.84
C GLU B 514 16.01 30.76 -17.97
N LEU B 515 17.32 30.82 -18.27
CA LEU B 515 18.37 30.08 -17.58
C LEU B 515 18.54 30.56 -16.13
N GLN B 516 18.19 31.81 -15.85
CA GLN B 516 18.22 32.38 -14.51
C GLN B 516 17.11 31.78 -13.64
N CYS B 517 15.91 31.63 -14.22
CA CYS B 517 14.72 31.19 -13.53
C CYS B 517 14.70 29.67 -13.35
N LEU B 518 15.14 28.95 -14.40
CA LEU B 518 15.22 27.49 -14.39
C LEU B 518 16.30 27.05 -13.41
N ASP B 519 17.55 27.38 -13.73
CA ASP B 519 18.72 27.08 -12.90
C ASP B 519 19.06 28.28 -12.02
N ALA B 520 18.39 28.35 -10.86
CA ALA B 520 18.50 29.42 -9.88
C ALA B 520 19.22 28.90 -8.64
N ASP B 521 19.95 29.80 -7.96
CA ASP B 521 20.74 29.46 -6.78
C ASP B 521 19.80 29.21 -5.59
N ASP B 522 19.04 30.25 -5.22
CA ASP B 522 18.08 30.21 -4.12
C ASP B 522 16.66 30.26 -4.71
N ALA B 523 15.84 29.27 -4.33
CA ALA B 523 14.47 29.10 -4.79
C ALA B 523 13.69 28.28 -3.76
C1 NAG C . -28.57 -36.99 -3.15
C2 NAG C . -27.65 -36.84 -1.94
C3 NAG C . -27.74 -38.02 -0.96
C4 NAG C . -29.19 -38.39 -0.69
C5 NAG C . -29.93 -38.60 -2.00
C6 NAG C . -31.38 -38.94 -1.79
C7 NAG C . -25.75 -35.44 -2.50
C8 NAG C . -25.40 -35.07 -3.92
N2 NAG C . -26.28 -36.65 -2.35
O3 NAG C . -27.10 -37.62 0.25
O4 NAG C . -29.26 -39.60 0.06
O5 NAG C . -29.88 -37.37 -2.75
O6 NAG C . -31.95 -38.07 -0.79
O7 NAG C . -25.59 -34.67 -1.56
C1 NAG C . -29.26 -39.27 1.47
C2 NAG C . -30.40 -40.00 2.18
C3 NAG C . -30.41 -39.67 3.68
C4 NAG C . -29.03 -39.79 4.31
C5 NAG C . -27.96 -39.12 3.44
C6 NAG C . -26.56 -39.38 3.91
C7 NAG C . -32.39 -40.60 0.95
C8 NAG C . -33.87 -40.44 1.05
N2 NAG C . -31.66 -39.67 1.57
O3 NAG C . -31.33 -40.55 4.31
O4 NAG C . -29.05 -39.15 5.58
O5 NAG C . -28.05 -39.63 2.09
O6 NAG C . -25.63 -38.60 3.16
O7 NAG C . -31.86 -41.53 0.34
C1 NAG D . 44.05 -15.80 2.27
C2 NAG D . 43.19 -16.15 1.05
C3 NAG D . 43.90 -17.07 0.05
C4 NAG D . 45.33 -16.60 -0.20
C5 NAG D . 46.05 -16.40 1.12
C6 NAG D . 47.46 -15.91 0.91
C7 NAG D . 40.84 -16.00 1.62
C8 NAG D . 40.34 -15.92 3.04
N2 NAG D . 41.94 -16.73 1.46
O3 NAG D . 43.15 -17.04 -1.16
O4 NAG D . 46.03 -17.57 -0.98
O5 NAG D . 45.35 -15.40 1.88
O6 NAG D . 47.50 -14.91 -0.11
O7 NAG D . 40.28 -15.41 0.69
C1 NAG D . 45.85 -17.26 -2.37
C2 NAG D . 47.18 -17.27 -3.11
C3 NAG D . 46.98 -16.88 -4.57
C4 NAG D . 45.85 -17.66 -5.23
C5 NAG D . 44.62 -17.71 -4.32
C6 NAG D . 43.56 -18.67 -4.83
C7 NAG D . 49.16 -16.90 -1.78
C8 NAG D . 50.41 -16.07 -1.78
N2 NAG D . 48.12 -16.40 -2.46
O3 NAG D . 48.20 -17.09 -5.26
O4 NAG D . 45.49 -16.99 -6.44
O5 NAG D . 44.98 -18.18 -3.01
O6 NAG D . 42.38 -18.57 -4.03
O7 NAG D . 49.10 -17.98 -1.20
OAA 4DS E . -20.64 -11.04 1.97
SAB 4DS E . -21.47 -11.37 3.11
OAC 4DS E . -22.91 -11.55 2.59
OAD 4DS E . -21.39 -10.34 4.26
CAE 4DS E . -20.93 -12.88 3.81
CAF 4DS E . -19.84 -13.51 3.29
CAG 4DS E . -19.43 -14.75 3.80
CAH 4DS E . -20.11 -15.31 4.86
CAI 4DS E . -21.22 -14.68 5.38
CAJ 4DS E . -21.65 -13.47 4.86
CAK 4DS E . -22.84 -12.81 5.44
CAL 4DS E . -23.02 -12.48 6.69
CAM 4DS E . -24.15 -11.70 7.20
CAN 4DS E . -24.90 -12.08 8.33
CAO 4DS E . -25.99 -11.31 8.77
CAP 4DS E . -26.30 -10.14 8.08
CAQ 4DS E . -25.56 -9.77 6.96
CAR 4DS E . -24.50 -10.52 6.52
NAS 4DS E . -27.44 -9.37 8.42
CAT 4DS E . -27.83 -8.67 9.44
SAU 4DS E . -28.27 -7.70 10.63
SAV 4DS E . -24.51 -13.55 9.20
OAW 4DS E . -24.57 -14.69 8.31
OAX 4DS E . -23.09 -13.39 9.71
OAY 4DS E . -25.62 -13.65 10.31
NAZ 4DS E . -18.32 -15.45 3.26
CBA 4DS E . -18.29 -15.82 2.02
SBB 4DS E . -18.37 -14.80 0.73
C1 CLR F . -13.76 0.23 -23.24
C2 CLR F . -13.95 1.50 -24.06
C3 CLR F . -13.43 2.70 -23.28
C4 CLR F . -11.95 2.51 -23.04
C5 CLR F . -11.64 1.20 -22.33
C6 CLR F . -10.77 1.19 -21.32
C7 CLR F . -10.36 -0.03 -20.53
C8 CLR F . -10.83 -1.35 -21.15
C9 CLR F . -12.22 -1.19 -21.81
C10 CLR F . -12.28 -0.06 -22.89
C11 CLR F . -12.67 -2.56 -22.37
C12 CLR F . -12.72 -3.67 -21.30
C13 CLR F . -11.39 -3.84 -20.59
C14 CLR F . -10.94 -2.43 -20.08
C15 CLR F . -9.75 -2.72 -19.17
C16 CLR F . -10.03 -4.14 -18.62
C17 CLR F . -11.39 -4.59 -19.23
C18 CLR F . -10.39 -4.49 -21.55
C19 CLR F . -11.54 -0.49 -24.16
C20 CLR F . -11.59 -6.11 -19.18
C21 CLR F . -13.03 -6.50 -19.54
C22 CLR F . -11.22 -6.63 -17.76
C23 CLR F . -11.76 -8.00 -17.34
C24 CLR F . -10.69 -8.86 -16.71
C25 CLR F . -11.11 -10.30 -16.39
C26 CLR F . -9.91 -11.14 -15.95
C27 CLR F . -11.80 -10.95 -17.56
O1 CLR F . -13.72 3.93 -23.97
CAA Y01 G . -17.15 -1.79 22.80
CBA Y01 G . -17.63 -1.05 24.05
CAB Y01 G . -19.11 -0.69 23.95
CAN Y01 G . -16.78 0.18 24.32
CAJ Y01 G . -16.85 1.27 23.27
CAO Y01 G . -17.71 2.45 23.69
CBB Y01 G . -16.96 3.80 23.83
CAC Y01 G . -16.29 4.15 22.51
CBE Y01 G . -17.91 4.91 24.33
CAP Y01 G . -19.02 4.39 25.29
CAQ Y01 G . -19.46 5.57 26.18
CBG Y01 G . -18.61 6.74 25.71
CBI Y01 G . -17.34 6.15 25.09
CAE Y01 G . -16.36 5.70 26.20
CAU Y01 G . -16.78 7.27 24.21
CAS Y01 G . -16.50 8.57 25.01
CBF Y01 G . -17.57 9.03 26.02
CBD Y01 G . -18.29 7.86 26.70
CAK Y01 G . -19.56 8.39 27.36
CAI Y01 G . -19.25 9.58 28.23
CAZ Y01 G . -18.11 10.24 28.19
CAV Y01 G . -17.87 11.35 29.20
CBH Y01 G . -17.02 10.01 27.12
CAD Y01 G . -15.78 9.44 27.82
CAT Y01 G . -16.65 11.38 26.52
CAR Y01 G . -16.32 12.43 27.59
CBC Y01 G . -17.48 12.65 28.54
OAW Y01 G . -17.10 13.59 29.60
CAY Y01 G . -18.05 14.08 30.41
OAG Y01 G . -19.23 13.97 30.22
CAM Y01 G . -17.46 14.74 31.63
CAL Y01 G . -18.24 15.94 32.10
CAX Y01 G . -18.29 17.09 31.10
OAH Y01 G . -17.29 17.27 30.37
OAF Y01 G . -19.31 17.82 31.09
C1 CLR H . -56.11 -3.29 -8.33
C2 CLR H . -56.98 -2.13 -8.82
C3 CLR H . -56.15 -1.00 -9.38
C4 CLR H . -55.24 -1.52 -10.48
C5 CLR H . -54.39 -2.70 -10.03
C6 CLR H . -53.08 -2.70 -10.23
C7 CLR H . -52.15 -3.81 -9.82
C8 CLR H . -52.90 -5.11 -9.57
C9 CLR H . -54.15 -4.85 -8.71
C10 CLR H . -55.14 -3.86 -9.40
C11 CLR H . -54.81 -6.16 -8.27
C12 CLR H . -53.86 -7.24 -7.72
C13 CLR H . -52.65 -7.50 -8.62
C14 CLR H . -52.00 -6.12 -8.86
C15 CLR H . -50.65 -6.46 -9.49
C16 CLR H . -50.21 -7.74 -8.74
C17 CLR H . -51.46 -8.28 -7.98
C18 CLR H . -53.10 -8.18 -9.92
C19 CLR H . -55.94 -4.58 -10.50
C20 CLR H . -51.45 -9.82 -8.00
C21 CLR H . -52.73 -10.44 -7.44
C22 CLR H . -50.21 -10.34 -7.26
C23 CLR H . -49.75 -11.75 -7.63
C24 CLR H . -48.44 -11.78 -8.38
C25 CLR H . -47.17 -11.93 -7.52
C26 CLR H . -45.92 -11.52 -8.32
C27 CLR H . -47.00 -13.36 -7.01
O1 CLR H . -57.01 0.02 -9.90
C1 CLR I . -31.44 -26.52 -19.73
C2 CLR I . -32.07 -27.89 -19.98
C3 CLR I . -32.88 -28.33 -18.79
C4 CLR I . -33.95 -27.30 -18.48
C5 CLR I . -33.39 -25.90 -18.30
C6 CLR I . -33.71 -25.16 -17.25
C7 CLR I . -33.19 -23.80 -16.96
C8 CLR I . -32.59 -23.14 -18.21
C9 CLR I . -31.67 -24.15 -18.90
C10 CLR I . -32.46 -25.41 -19.40
C11 CLR I . -30.81 -23.50 -20.00
C12 CLR I . -30.17 -22.15 -19.63
C13 CLR I . -31.18 -21.16 -19.05
C14 CLR I . -31.85 -21.87 -17.86
C15 CLR I . -32.63 -20.74 -17.18
C16 CLR I . -31.74 -19.49 -17.37
C17 CLR I . -30.62 -19.88 -18.36
C18 CLR I . -32.20 -20.75 -20.13
C19 CLR I . -33.32 -25.09 -20.63
C20 CLR I . -30.16 -18.69 -19.24
C21 CLR I . -28.85 -19.02 -19.97
C22 CLR I . -30.11 -17.38 -18.41
C23 CLR I . -29.96 -16.08 -19.20
C24 CLR I . -31.05 -15.80 -20.22
C25 CLR I . -30.86 -14.50 -21.04
C26 CLR I . -29.84 -14.69 -22.15
C27 CLR I . -32.15 -13.98 -21.66
O1 CLR I . -33.51 -29.60 -19.07
O12 PC1 J . -0.65 -18.63 12.41
P PC1 J . 0.85 -18.66 12.58
O14 PC1 J . 1.47 -17.93 13.74
O13 PC1 J . 1.25 -20.21 12.72
C11 PC1 J . 0.78 -20.99 13.87
C12 PC1 J . 1.91 -21.78 14.48
N PC1 J . 2.27 -21.48 15.94
C13 PC1 J . 2.80 -20.10 16.06
C14 PC1 J . 1.06 -21.62 16.80
C15 PC1 J . 3.31 -22.44 16.40
O11 PC1 J . 1.58 -18.29 11.20
C1 PC1 J . 0.78 -18.11 9.98
C2 PC1 J . 0.17 -16.71 10.00
O21 PC1 J . -0.97 -16.60 9.13
C21 PC1 J . -2.23 -16.76 9.60
O22 PC1 J . -2.58 -17.55 10.43
C22 PC1 J . -3.04 -15.61 9.12
C23 PC1 J . -2.61 -14.29 9.65
C24 PC1 J . -3.07 -13.13 8.75
C25 PC1 J . -2.08 -12.87 7.65
C26 PC1 J . -2.41 -11.81 6.70
C27 PC1 J . -2.98 -10.53 7.28
C28 PC1 J . -2.65 -9.34 6.43
C29 PC1 J . -3.55 -8.13 6.58
C2A PC1 J . -3.32 -7.08 5.52
C2B PC1 J . -4.18 -7.24 4.26
C2C PC1 J . -3.65 -6.56 3.06
C2D PC1 J . -4.70 -5.92 2.20
C2E PC1 J . -4.86 -4.43 2.40
C2F PC1 J . -5.13 -3.99 3.82
C2G PC1 J . -5.36 -2.47 3.90
C2H PC1 J . -5.73 -1.87 5.23
C2I PC1 J . -6.43 -0.55 5.07
C3 PC1 J . 1.18 -15.66 9.60
O31 PC1 J . 1.14 -15.47 8.19
C31 PC1 J . 2.26 -15.01 7.62
O32 PC1 J . 3.36 -15.43 7.82
C32 PC1 J . 1.95 -13.72 6.93
C33 PC1 J . 1.82 -12.54 7.86
C34 PC1 J . 1.73 -11.22 7.11
C35 PC1 J . 1.76 -9.98 7.94
C36 PC1 J . 2.20 -8.73 7.20
C37 PC1 J . 1.33 -8.44 6.01
C38 PC1 J . 1.27 -7.00 5.54
C39 PC1 J . 0.67 -6.90 4.13
C3A PC1 J . 1.68 -6.59 3.04
C3B PC1 J . 1.24 -5.59 2.00
C3C PC1 J . 1.31 -4.12 2.42
C3D PC1 J . 0.04 -3.60 3.08
C3E PC1 J . -1.18 -3.57 2.17
C3F PC1 J . -0.98 -2.84 0.84
C3G PC1 J . -2.21 -2.19 0.31
C3H PC1 J . -2.62 -0.96 1.10
C3I PC1 J . -2.54 0.33 0.28
OAA 4DS K . 23.23 1.83 -2.08
SAB 4DS K . 24.16 2.11 -3.26
OAC 4DS K . 23.59 2.98 -4.24
OAD 4DS K . 25.47 2.69 -2.66
CAE 4DS K . 24.54 0.58 -4.02
CAF 4DS K . 23.97 -0.57 -3.52
CAG 4DS K . 24.28 -1.80 -4.08
CAH 4DS K . 25.15 -1.87 -5.15
CAI 4DS K . 25.74 -0.72 -5.64
CAJ 4DS K . 25.45 0.52 -5.07
CAK 4DS K . 26.09 1.74 -5.61
CAL 4DS K . 26.06 2.14 -6.86
CAM 4DS K . 26.58 3.42 -7.34
CAN 4DS K . 27.41 3.54 -8.47
CAO 4DS K . 27.89 4.78 -8.87
CAP 4DS K . 27.54 5.92 -8.15
CAQ 4DS K . 26.73 5.79 -7.02
CAR 4DS K . 26.25 4.57 -6.61
NAS 4DS K . 28.08 7.19 -8.46
CAT 4DS K . 28.02 8.01 -9.46
SAU 4DS K . 27.85 9.11 -10.61
SAV 4DS K . 27.87 2.11 -9.39
OAW 4DS K . 28.54 1.16 -8.54
OAX 4DS K . 26.57 1.49 -9.91
OAY 4DS K . 28.83 2.66 -10.49
NAZ 4DS K . 23.74 -3.01 -3.57
CBA 4DS K . 23.92 -3.36 -2.33
SBB 4DS K . 23.44 -2.50 -1.01
C1 CLR L . 11.67 6.92 23.37
C2 CLR L . 11.15 8.08 24.24
C3 CLR L . 10.06 8.83 23.49
C4 CLR L . 8.92 7.87 23.23
C5 CLR L . 9.34 6.62 22.48
C6 CLR L . 8.62 6.18 21.46
C7 CLR L . 8.92 4.94 20.64
C8 CLR L . 10.04 4.07 21.21
C9 CLR L . 11.13 4.93 21.89
C10 CLR L . 10.58 5.89 23.00
C11 CLR L . 12.26 4.03 22.40
C12 CLR L . 12.88 3.14 21.31
C13 CLR L . 11.84 2.30 20.58
C14 CLR L . 10.71 3.26 20.12
C15 CLR L . 9.85 2.41 19.18
C16 CLR L . 10.85 1.37 18.59
C17 CLR L . 12.24 1.70 19.20
C18 CLR L . 11.36 1.18 21.52
C19 CLR L . 10.21 5.10 24.25
C20 CLR L . 13.23 0.54 19.09
C21 CLR L . 14.65 0.96 19.47
C22 CLR L . 13.18 -0.05 17.66
C23 CLR L . 14.36 -0.90 17.19
C24 CLR L . 13.93 -2.18 16.53
C25 CLR L . 15.05 -3.16 16.15
C26 CLR L . 14.50 -4.50 15.67
C27 CLR L . 15.98 -3.38 17.33
O1 CLR L . 9.64 9.99 24.23
CAA Y01 M . 15.33 9.28 -24.53
CBA Y01 M . 15.02 10.02 -23.24
CAB Y01 M . 13.90 9.33 -22.47
CAN Y01 M . 14.72 11.51 -23.53
CAJ Y01 M . 13.31 11.88 -24.01
CAO Y01 M . 12.63 12.86 -23.07
CBB Y01 M . 11.36 13.58 -23.55
CAC Y01 M . 10.36 13.66 -22.41
CBE Y01 M . 11.69 14.98 -24.09
CAP Y01 M . 12.95 15.04 -25.00
CAQ Y01 M . 12.74 16.21 -26.01
CBG Y01 M . 11.44 16.87 -25.55
CBI Y01 M . 10.61 15.76 -24.89
CAE Y01 M . 9.98 14.83 -25.94
CAU Y01 M . 9.56 16.50 -24.07
CAS Y01 M . 8.66 17.38 -24.96
CBF Y01 M . 9.38 18.31 -25.94
CBD Y01 M . 10.66 17.69 -26.56
CAK Y01 M . 11.47 18.84 -27.16
CAI Y01 M . 10.64 19.63 -28.11
CAZ Y01 M . 9.31 19.64 -28.12
CAV Y01 M . 8.56 20.46 -29.15
CBH Y01 M . 8.48 18.85 -27.09
CAD Y01 M . 7.75 17.72 -27.85
CAT Y01 M . 7.40 19.80 -26.51
CAR Y01 M . 6.62 20.54 -27.61
CBC Y01 M . 7.53 21.36 -28.49
OAW Y01 M . 6.64 21.98 -29.47
CAY Y01 M . 6.98 23.08 -30.13
OAG Y01 M . 8.01 23.26 -30.73
CAM Y01 M . 6.05 24.17 -29.74
CAL Y01 M . 5.61 25.13 -30.82
CAX Y01 M . 6.45 26.38 -30.95
OAH Y01 M . 7.58 26.28 -31.50
OAF Y01 M . 5.98 27.46 -30.52
C1 CLR N . 49.14 26.76 8.59
C2 CLR N . 49.23 28.20 9.11
C3 CLR N . 47.89 28.70 9.61
C4 CLR N . 47.31 27.75 10.64
C5 CLR N . 47.27 26.30 10.17
C6 CLR N . 46.16 25.59 10.27
C7 CLR N . 46.05 24.11 10.02
C8 CLR N . 47.41 23.46 9.73
C9 CLR N . 48.29 24.39 8.88
C10 CLR N . 48.57 25.75 9.60
C11 CLR N . 49.56 23.69 8.38
C12 CLR N . 49.37 22.27 7.83
C13 CLR N . 48.54 21.37 8.75
C14 CLR N . 47.22 22.13 9.00
C15 CLR N . 46.28 21.08 9.60
C16 CLR N . 46.68 19.77 8.91
C17 CLR N . 48.00 20.05 8.12
C18 CLR N . 49.30 21.09 10.05
C19 CLR N . 49.57 25.56 10.77
C20 CLR N . 48.89 18.79 8.09
C21 CLR N . 50.26 19.06 7.48
C22 CLR N . 48.16 17.64 7.38
C23 CLR N . 48.23 16.27 8.03
C24 CLR N . 49.14 15.29 7.31
C25 CLR N . 50.64 15.39 7.68
C26 CLR N . 51.52 15.56 6.45
C27 CLR N . 51.10 14.19 8.49
O1 CLR N . 48.06 30.00 10.20
C1 CLR O . 40.99 -5.32 19.16
C2 CLR O . 42.39 -5.87 19.41
C3 CLR O . 43.20 -5.87 18.14
C4 CLR O . 43.26 -4.48 17.54
C5 CLR O . 41.92 -3.78 17.46
C6 CLR O . 41.56 -3.14 16.34
C7 CLR O . 40.34 -2.30 16.20
C8 CLR O . 39.64 -2.04 17.53
C9 CLR O . 39.58 -3.37 18.31
C10 CLR O . 41.02 -3.84 18.69
C11 CLR O . 38.61 -3.33 19.52
C12 CLR O . 37.34 -2.46 19.38
C13 CLR O . 37.55 -1.13 18.68
C14 CLR O . 38.26 -1.44 17.36
C15 CLR O . 38.13 -0.16 16.54
C16 CLR O . 36.81 0.48 17.00
C17 CLR O . 36.27 -0.39 18.17
C18 CLR O . 38.39 -0.18 19.56
C19 CLR O . 41.64 -2.94 19.78
C20 CLR O . 35.41 0.41 19.18
C21 CLR O . 34.50 -0.51 20.00
C22 CLR O . 34.63 1.55 18.49
C23 CLR O . 33.79 2.40 19.42
C24 CLR O . 34.61 3.13 20.49
C25 CLR O . 33.85 4.22 21.30
C26 CLR O . 33.44 3.71 22.67
C27 CLR O . 34.65 5.50 21.43
O1 CLR O . 44.53 -6.34 18.38
O12 PC1 P . 7.24 -16.20 -11.55
P PC1 P . 8.30 -16.09 -10.49
O14 PC1 P . 8.50 -17.26 -9.55
O13 PC1 P . 9.75 -15.78 -11.14
C11 PC1 P . 9.87 -14.78 -12.19
C12 PC1 P . 10.82 -15.21 -13.29
N PC1 P . 10.25 -16.05 -14.43
C13 PC1 P . 9.21 -15.30 -15.23
C14 PC1 P . 11.37 -16.40 -15.36
C15 PC1 P . 9.66 -17.30 -13.92
O11 PC1 P . 7.96 -14.78 -9.61
C1 PC1 P . 7.32 -13.64 -10.25
C2 PC1 P . 7.69 -12.36 -9.56
O21 PC1 P . 9.12 -12.45 -9.37
C21 PC1 P . 9.91 -11.38 -9.50
O22 PC1 P . 10.81 -11.59 -10.23
C22 PC1 P . 9.92 -10.27 -8.50
C23 PC1 P . 8.90 -9.23 -8.64
C24 PC1 P . 8.56 -8.64 -7.26
C25 PC1 P . 7.39 -7.64 -7.25
C26 PC1 P . 7.82 -6.22 -7.58
C27 PC1 P . 8.43 -5.47 -6.43
C28 PC1 P . 7.42 -4.86 -5.47
C29 PC1 P . 7.94 -4.72 -4.04
C2A PC1 P . 7.12 -3.87 -3.13
C2B PC1 P . 7.14 -2.40 -3.46
C2C PC1 P . 6.52 -1.51 -2.41
C2D PC1 P . 5.60 -0.43 -2.95
C2E PC1 P . 6.22 0.56 -3.90
C2F PC1 P . 5.27 1.67 -4.29
C2G PC1 P . 5.85 2.72 -5.20
C2H PC1 P . 5.06 4.01 -5.06
C2I PC1 P . 5.62 4.96 -4.02
C3 PC1 P . 6.89 -12.16 -8.29
O31 PC1 P . 5.72 -11.38 -8.59
C31 PC1 P . 4.78 -11.39 -7.65
O32 PC1 P . 4.47 -12.36 -7.01
C32 PC1 P . 4.43 -9.98 -7.23
C33 PC1 P . 3.62 -9.20 -8.16
C34 PC1 P . 2.72 -8.21 -7.44
C35 PC1 P . 3.44 -7.00 -6.92
C36 PC1 P . 3.71 -7.04 -5.44
C37 PC1 P . 2.50 -6.65 -4.59
C38 PC1 P . 2.82 -6.28 -3.15
C39 PC1 P . 1.71 -5.54 -2.48
C3A PC1 P . 1.44 -4.20 -3.13
C3B PC1 P . 1.44 -3.03 -2.18
C3C PC1 P . 2.75 -2.28 -2.09
C3D PC1 P . 3.10 -1.74 -0.70
C3E PC1 P . 2.27 -0.57 -0.25
C3F PC1 P . 2.53 0.74 -0.96
C3G PC1 P . 1.87 1.93 -0.26
C3H PC1 P . 2.19 3.26 -0.89
C3I PC1 P . 1.62 4.44 -0.14
#